data_7AIS
#
_entry.id   7AIS
#
_cell.length_a   91.899
_cell.length_b   106.755
_cell.length_c   150.707
_cell.angle_alpha   90.000
_cell.angle_beta   90.000
_cell.angle_gamma   90.000
#
_symmetry.space_group_name_H-M   'P 21 21 21'
#
loop_
_entity.id
_entity.type
_entity.pdbx_description
1 polymer Acetylcholinesterase
2 non-polymer 6-[(3-Chloro-6,7,10,11-tetrahydro-9-methyl-7,11-methanocycloocta[b]quinolin-12-yl)amino]-N-(4-hydroxy-3-methoxybenzyl)hexanamide
3 non-polymer 2-acetamido-2-deoxy-beta-D-glucopyranose
4 non-polymer DI(HYDROXYETHYL)ETHER
5 non-polymer 'CHLORIDE ION'
6 water water
#
_entity_poly.entity_id   1
_entity_poly.type   'polypeptide(L)'
_entity_poly.pdbx_seq_one_letter_code
;MNLLVTSSLGVLLHLVVLCQADDHSELLVNTKSGKVMGTRVPVLSSHISAFLGIPFAEPPVGNMRFRRPEPKKPWSGVWN
ASTYPNNCQQYVDEQFPGFSGSEMWNPNREMSEDCLYLNIWVPSPRPKSTTVMVWIYGGGFYSGSSTLDVYNGKYLAYTE
EVVLVSLSYRVGAFGFLALHGSQEAPGNVGLLDQRMALQWVHDNIQFFGGDPKTVTIFGESAGGASVGMHILSPGSRDLF
RRAILQSGSPNCPWASVSVAEGRRRAVELGRNLNCNLNSDEELIHCLREKKPQELIDVEWNVLPFDSIFRFSFVPVIDGE
FFPTSLESMLNSGNFKKTQILLGVNKDEGSFFLLYGAPGFSKDSESKISREDFMSGVKLSVPHANDLGLDAVTLQYTDWM
DDNNGIKNRDGLDDIVGDHNVICPLMHFVNKYTKFGNGTYLYFFNHRASNLVWPEWMGVIHGYEIEFVFGLPLVKELNYT
AEEEALSRRIMHYWATFAKTGNPNEPHSQESKWPLFTTKEQKFIDLNTEPMKVHQRLRVQMCVFWNQFLPKLLNATACDG
ELSSSGTSSSKGIIFYVLFSILYLIF
;
_entity_poly.pdbx_strand_id   A,B
#
loop_
_chem_comp.id
_chem_comp.type
_chem_comp.name
_chem_comp.formula
8UH non-polymer 6-[(3-Chloro-6,7,10,11-tetrahydro-9-methyl-7,11-methanocycloocta[b]quinolin-12-yl)amino]-N-(4-hydroxy-3-methoxybenzyl)hexanamide 'C31 H36 Cl N3 O3'
CL non-polymer 'CHLORIDE ION' 'Cl -1'
NAG D-saccharide, beta linking 2-acetamido-2-deoxy-beta-D-glucopyranose 'C8 H15 N O6'
PEG non-polymer DI(HYDROXYETHYL)ETHER 'C4 H10 O3'
#
# COMPACT_ATOMS: atom_id res chain seq x y z
N SER A 25 -15.99 15.76 16.05
CA SER A 25 -16.40 14.79 17.06
C SER A 25 -15.18 13.95 17.45
N GLU A 26 -14.78 13.06 16.55
CA GLU A 26 -13.48 12.42 16.68
C GLU A 26 -12.35 13.42 16.49
N LEU A 27 -12.58 14.46 15.68
CA LEU A 27 -11.59 15.48 15.41
C LEU A 27 -11.74 16.71 16.29
N LEU A 28 -12.77 16.77 17.13
CA LEU A 28 -13.03 17.95 17.96
C LEU A 28 -12.78 17.54 19.40
N VAL A 29 -11.75 18.12 20.02
CA VAL A 29 -11.29 17.70 21.33
C VAL A 29 -11.23 18.92 22.25
N ASN A 30 -11.85 18.83 23.42
CA ASN A 30 -11.76 19.91 24.40
CA ASN A 30 -11.78 19.90 24.41
C ASN A 30 -10.59 19.62 25.34
N THR A 31 -9.57 20.46 25.28
CA THR A 31 -8.44 20.35 26.19
C THR A 31 -8.60 21.36 27.32
N LYS A 32 -7.71 21.26 28.30
CA LYS A 32 -7.78 22.18 29.43
C LYS A 32 -7.45 23.62 29.04
N SER A 33 -6.88 23.84 27.87
CA SER A 33 -6.58 25.18 27.40
C SER A 33 -7.56 25.67 26.35
N GLY A 34 -8.51 24.84 25.93
CA GLY A 34 -9.45 25.23 24.90
C GLY A 34 -9.69 24.12 23.91
N LYS A 35 -10.62 24.34 23.00
CA LYS A 35 -10.98 23.33 22.01
C LYS A 35 -10.02 23.34 20.83
N VAL A 36 -9.80 22.15 20.27
CA VAL A 36 -8.94 21.96 19.11
CA VAL A 36 -8.95 21.99 19.09
C VAL A 36 -9.69 21.12 18.08
N MET A 37 -9.53 21.47 16.81
CA MET A 37 -10.11 20.71 15.70
C MET A 37 -8.98 20.14 14.85
N GLY A 38 -8.85 18.82 14.84
CA GLY A 38 -7.86 18.14 14.04
C GLY A 38 -8.36 17.86 12.63
N THR A 39 -7.66 16.96 11.95
CA THR A 39 -7.95 16.65 10.56
C THR A 39 -7.73 15.17 10.31
N ARG A 40 -8.50 14.61 9.38
CA ARG A 40 -8.41 13.19 9.05
CA ARG A 40 -8.42 13.19 9.04
C ARG A 40 -7.41 13.00 7.92
N VAL A 41 -6.37 12.24 8.17
CA VAL A 41 -5.26 12.11 7.21
C VAL A 41 -5.20 10.68 6.66
N PRO A 42 -4.86 10.51 5.39
CA PRO A 42 -4.62 9.17 4.88
C PRO A 42 -3.30 8.62 5.41
N VAL A 43 -3.30 7.33 5.74
CA VAL A 43 -2.07 6.63 6.09
C VAL A 43 -2.15 5.25 5.49
N LEU A 44 -1.25 4.96 4.55
CA LEU A 44 -1.25 3.71 3.77
C LEU A 44 -2.61 3.59 3.12
N SER A 45 -3.37 2.53 3.34
CA SER A 45 -4.70 2.41 2.76
C SER A 45 -5.81 2.72 3.77
N SER A 46 -5.48 3.36 4.89
CA SER A 46 -6.46 3.66 5.93
C SER A 46 -6.45 5.16 6.25
N HIS A 47 -6.88 5.52 7.45
CA HIS A 47 -6.87 6.91 7.88
C HIS A 47 -6.65 6.95 9.39
N ILE A 48 -6.13 8.09 9.87
CA ILE A 48 -6.06 8.39 11.29
C ILE A 48 -6.26 9.89 11.48
N SER A 49 -6.34 10.29 12.74
CA SER A 49 -6.56 11.69 13.11
C SER A 49 -5.23 12.39 13.40
N ALA A 50 -5.10 13.62 12.92
CA ALA A 50 -3.92 14.43 13.19
C ALA A 50 -4.36 15.76 13.79
N PHE A 51 -3.68 16.16 14.85
CA PHE A 51 -3.88 17.48 15.46
C PHE A 51 -2.52 18.18 15.36
N LEU A 52 -2.40 19.10 14.42
CA LEU A 52 -1.13 19.72 14.08
C LEU A 52 -1.09 21.15 14.60
N GLY A 53 0.05 21.52 15.17
CA GLY A 53 0.26 22.89 15.62
C GLY A 53 -0.57 23.34 16.82
N ILE A 54 -0.67 22.50 17.84
CA ILE A 54 -1.34 22.90 19.08
C ILE A 54 -0.37 23.70 19.94
N PRO A 55 -0.74 24.88 20.40
CA PRO A 55 0.18 25.69 21.21
C PRO A 55 0.25 25.17 22.64
N PHE A 56 1.47 25.08 23.17
CA PHE A 56 1.63 24.68 24.56
C PHE A 56 2.29 25.74 25.41
N ALA A 57 2.74 26.84 24.82
CA ALA A 57 3.36 27.92 25.58
C ALA A 57 2.95 29.24 24.95
N GLU A 58 3.08 30.30 25.75
CA GLU A 58 2.94 31.64 25.18
C GLU A 58 4.08 31.85 24.19
N PRO A 59 3.84 32.53 23.07
CA PRO A 59 4.93 32.81 22.12
C PRO A 59 6.07 33.53 22.82
N PRO A 60 7.30 32.97 22.75
CA PRO A 60 8.43 33.56 23.47
C PRO A 60 9.07 34.71 22.70
N VAL A 61 8.29 35.78 22.47
CA VAL A 61 8.68 36.85 21.55
C VAL A 61 8.86 38.15 22.33
N GLY A 62 9.61 39.08 21.71
CA GLY A 62 9.82 40.39 22.32
C GLY A 62 10.59 40.30 23.63
N ASN A 63 10.01 40.89 24.69
CA ASN A 63 10.58 40.82 26.02
C ASN A 63 10.73 39.41 26.53
N MET A 64 10.06 38.47 25.89
CA MET A 64 10.13 37.10 26.32
C MET A 64 11.24 36.28 25.69
N ARG A 65 11.96 36.87 24.76
CA ARG A 65 13.12 36.18 24.20
C ARG A 65 14.14 35.90 25.30
N PHE A 66 14.66 34.67 25.33
CA PHE A 66 15.61 34.09 26.27
C PHE A 66 14.96 33.73 27.60
N ARG A 67 13.70 34.05 27.82
CA ARG A 67 13.07 33.82 29.10
CA ARG A 67 13.12 33.79 29.11
C ARG A 67 12.52 32.40 29.18
N ARG A 68 12.37 31.89 30.41
CA ARG A 68 11.67 30.64 30.61
C ARG A 68 10.31 30.69 29.92
N PRO A 69 9.81 29.57 29.41
CA PRO A 69 8.47 29.60 28.80
C PRO A 69 7.38 29.78 29.85
N GLU A 70 6.27 30.35 29.40
CA GLU A 70 5.06 30.51 30.21
C GLU A 70 3.91 29.73 29.58
N PRO A 71 3.05 29.12 30.38
CA PRO A 71 1.98 28.28 29.80
C PRO A 71 1.10 29.07 28.85
N LYS A 72 0.65 28.42 27.79
CA LYS A 72 -0.25 29.06 26.85
C LYS A 72 -1.54 29.45 27.56
N LYS A 73 -1.91 30.71 27.45
CA LYS A 73 -3.17 31.16 28.03
C LYS A 73 -4.34 30.54 27.28
N PRO A 74 -5.36 30.07 27.99
CA PRO A 74 -6.49 29.42 27.31
C PRO A 74 -7.20 30.36 26.35
N TRP A 75 -7.71 29.77 25.27
CA TRP A 75 -8.36 30.50 24.20
C TRP A 75 -9.84 30.11 24.12
N SER A 76 -10.67 31.05 23.67
CA SER A 76 -12.05 30.72 23.34
C SER A 76 -12.14 30.29 21.88
N GLY A 77 -13.23 29.63 21.54
CA GLY A 77 -13.38 29.13 20.19
C GLY A 77 -12.55 27.88 19.95
N VAL A 78 -12.43 27.53 18.67
CA VAL A 78 -11.84 26.26 18.26
C VAL A 78 -10.51 26.54 17.59
N TRP A 79 -9.43 26.00 18.16
CA TRP A 79 -8.11 26.14 17.55
C TRP A 79 -8.04 25.24 16.32
N ASN A 80 -7.64 25.83 15.20
CA ASN A 80 -7.54 25.10 13.94
C ASN A 80 -6.22 24.33 13.95
N ALA A 81 -6.30 23.03 14.21
CA ALA A 81 -5.11 22.17 14.27
C ALA A 81 -5.01 21.28 13.04
N SER A 82 -5.27 21.85 11.86
CA SER A 82 -5.21 21.09 10.62
C SER A 82 -3.89 21.25 9.88
N THR A 83 -3.01 22.14 10.34
CA THR A 83 -1.85 22.59 9.58
C THR A 83 -0.62 22.60 10.47
N TYR A 84 0.54 22.22 9.91
CA TYR A 84 1.79 22.25 10.67
C TYR A 84 2.10 23.68 11.14
N PRO A 85 2.74 23.81 12.30
CA PRO A 85 3.10 25.15 12.80
C PRO A 85 4.35 25.68 12.12
N ASN A 86 4.71 26.92 12.44
CA ASN A 86 6.02 27.47 12.11
C ASN A 86 7.13 26.66 12.78
N ASN A 87 8.34 26.76 12.23
CA ASN A 87 9.52 26.18 12.84
C ASN A 87 10.26 27.26 13.64
N CYS A 88 11.04 26.83 14.64
CA CYS A 88 11.80 27.82 15.38
C CYS A 88 12.91 28.43 14.52
N GLN A 89 13.35 29.63 14.91
CA GLN A 89 14.42 30.32 14.21
C GLN A 89 15.73 29.56 14.35
N GLN A 90 16.44 29.37 13.24
CA GLN A 90 17.65 28.55 13.27
C GLN A 90 18.49 28.77 12.01
N TYR A 91 19.78 28.48 12.15
CA TYR A 91 20.68 28.33 11.02
C TYR A 91 20.12 27.34 10.00
N VAL A 92 20.19 27.70 8.73
CA VAL A 92 19.67 26.88 7.64
C VAL A 92 20.83 26.45 6.76
N ASP A 93 20.95 25.16 6.51
CA ASP A 93 22.08 24.63 5.75
C ASP A 93 21.93 24.94 4.26
N GLU A 94 22.95 25.56 3.67
CA GLU A 94 22.96 25.84 2.24
CA GLU A 94 22.93 25.81 2.23
C GLU A 94 24.17 25.23 1.54
N GLN A 95 24.83 24.26 2.16
CA GLN A 95 26.01 23.67 1.56
C GLN A 95 25.69 23.04 0.21
N PHE A 96 24.61 22.27 0.15
CA PHE A 96 24.20 21.54 -1.05
C PHE A 96 22.79 21.96 -1.43
N PRO A 97 22.64 23.14 -2.04
CA PRO A 97 21.28 23.68 -2.28
C PRO A 97 20.45 22.75 -3.17
N GLY A 98 19.24 22.46 -2.71
CA GLY A 98 18.34 21.60 -3.46
C GLY A 98 18.64 20.12 -3.37
N PHE A 99 19.70 19.72 -2.66
CA PHE A 99 20.03 18.31 -2.50
C PHE A 99 19.12 17.69 -1.45
N SER A 100 18.41 16.63 -1.82
CA SER A 100 17.40 16.07 -0.93
C SER A 100 18.00 15.56 0.37
N GLY A 101 19.24 15.06 0.32
CA GLY A 101 19.84 14.45 1.49
C GLY A 101 20.08 15.42 2.63
N SER A 102 20.36 16.69 2.31
CA SER A 102 20.51 17.72 3.32
C SER A 102 19.25 18.56 3.50
N GLU A 103 18.54 18.85 2.40
CA GLU A 103 17.32 19.64 2.48
C GLU A 103 16.28 18.96 3.37
N MET A 104 16.29 17.63 3.47
CA MET A 104 15.32 16.93 4.30
C MET A 104 15.41 17.30 5.77
N TRP A 105 16.50 17.94 6.20
CA TRP A 105 16.67 18.32 7.60
C TRP A 105 16.36 19.78 7.86
N ASN A 106 16.24 20.59 6.81
CA ASN A 106 16.00 22.01 6.94
C ASN A 106 14.55 22.29 7.29
N PRO A 107 14.26 23.45 7.86
CA PRO A 107 12.86 23.83 8.10
C PRO A 107 12.06 23.75 6.81
N ASN A 108 10.89 23.13 6.88
CA ASN A 108 9.98 23.07 5.74
C ASN A 108 8.76 23.96 5.95
N ARG A 109 8.80 24.81 6.97
CA ARG A 109 7.77 25.80 7.23
CA ARG A 109 7.77 25.80 7.27
C ARG A 109 8.46 27.14 7.48
N GLU A 110 7.67 28.21 7.51
CA GLU A 110 8.26 29.50 7.82
C GLU A 110 8.84 29.46 9.22
N MET A 111 10.01 30.08 9.40
CA MET A 111 10.62 30.21 10.72
C MET A 111 10.05 31.40 11.46
N SER A 112 9.82 31.22 12.75
CA SER A 112 9.33 32.29 13.60
C SER A 112 9.75 32.00 15.04
N GLU A 113 9.95 33.06 15.81
CA GLU A 113 10.10 32.84 17.25
C GLU A 113 8.81 32.34 17.89
N ASP A 114 7.68 32.59 17.24
CA ASP A 114 6.40 32.02 17.65
C ASP A 114 6.36 30.60 17.11
N CYS A 115 7.00 29.68 17.85
CA CYS A 115 7.19 28.32 17.35
C CYS A 115 6.95 27.24 18.41
N LEU A 116 6.33 27.54 19.56
CA LEU A 116 6.20 26.51 20.60
C LEU A 116 4.84 25.82 20.44
N TYR A 117 4.84 24.76 19.63
CA TYR A 117 3.65 24.03 19.28
C TYR A 117 3.98 22.54 19.30
N LEU A 118 2.95 21.70 19.43
CA LEU A 118 3.13 20.27 19.33
C LEU A 118 2.11 19.68 18.37
N ASN A 119 2.40 18.47 17.90
CA ASN A 119 1.58 17.73 16.96
C ASN A 119 1.23 16.37 17.55
N ILE A 120 0.04 15.88 17.25
CA ILE A 120 -0.46 14.61 17.79
C ILE A 120 -1.07 13.80 16.66
N TRP A 121 -0.68 12.53 16.53
CA TRP A 121 -1.37 11.57 15.68
C TRP A 121 -2.07 10.54 16.55
N VAL A 122 -3.37 10.34 16.28
CA VAL A 122 -4.24 9.51 17.11
C VAL A 122 -4.83 8.42 16.24
N PRO A 123 -4.76 7.15 16.63
CA PRO A 123 -5.38 6.09 15.82
C PRO A 123 -6.89 6.32 15.70
N SER A 124 -7.45 5.88 14.58
CA SER A 124 -8.89 5.95 14.36
C SER A 124 -9.49 4.54 14.25
N PRO A 125 -10.51 4.24 15.09
CA PRO A 125 -11.15 5.15 16.05
C PRO A 125 -10.29 5.42 17.28
N ARG A 126 -10.58 6.50 18.00
CA ARG A 126 -9.77 6.89 19.13
C ARG A 126 -9.72 5.76 20.17
N PRO A 127 -8.54 5.38 20.65
CA PRO A 127 -8.46 4.36 21.70
C PRO A 127 -8.84 4.94 23.05
N LYS A 128 -8.99 4.05 24.02
CA LYS A 128 -9.42 4.46 25.36
C LYS A 128 -8.29 5.17 26.12
N SER A 129 -7.23 4.44 26.46
CA SER A 129 -6.03 5.04 27.07
C SER A 129 -4.83 4.20 26.64
N THR A 130 -4.30 4.51 25.47
CA THR A 130 -3.20 3.74 24.92
C THR A 130 -1.85 4.40 25.23
N THR A 131 -0.78 3.66 24.95
CA THR A 131 0.57 4.15 25.13
C THR A 131 0.83 5.42 24.33
N VAL A 132 1.59 6.33 24.92
CA VAL A 132 1.95 7.61 24.31
C VAL A 132 3.45 7.63 24.06
N MET A 133 3.86 8.08 22.87
CA MET A 133 5.28 8.28 22.58
C MET A 133 5.49 9.73 22.15
N VAL A 134 6.45 10.40 22.79
CA VAL A 134 6.68 11.83 22.56
C VAL A 134 8.05 11.97 21.94
N TRP A 135 8.09 12.45 20.69
CA TRP A 135 9.32 12.62 19.93
C TRP A 135 9.96 13.98 20.21
N ILE A 136 11.27 13.97 20.46
CA ILE A 136 12.04 15.19 20.70
C ILE A 136 13.11 15.26 19.61
N TYR A 137 12.96 16.18 18.67
CA TYR A 137 13.92 16.24 17.56
C TYR A 137 15.30 16.64 18.02
N GLY A 138 16.30 16.21 17.25
CA GLY A 138 17.68 16.61 17.45
C GLY A 138 18.07 17.71 16.49
N GLY A 139 19.38 17.89 16.36
CA GLY A 139 19.92 19.01 15.61
C GLY A 139 20.96 19.79 16.39
N GLY A 140 21.66 19.11 17.32
CA GLY A 140 22.77 19.75 18.02
C GLY A 140 22.38 20.93 18.90
N PHE A 141 21.11 21.04 19.28
CA PHE A 141 20.53 22.16 20.01
C PHE A 141 20.56 23.46 19.22
N TYR A 142 20.99 23.45 17.94
CA TYR A 142 21.02 24.64 17.11
C TYR A 142 20.02 24.60 15.97
N SER A 143 19.37 23.46 15.76
CA SER A 143 18.49 23.27 14.61
C SER A 143 17.49 22.18 14.92
N GLY A 144 16.54 22.02 14.03
CA GLY A 144 15.56 20.96 14.19
C GLY A 144 14.15 21.51 14.05
N SER A 145 13.25 20.67 13.57
CA SER A 145 11.85 21.03 13.38
C SER A 145 10.98 19.81 13.69
N SER A 146 9.81 20.04 14.28
CA SER A 146 8.90 18.92 14.50
C SER A 146 8.23 18.47 13.20
N THR A 147 8.34 19.23 12.13
CA THR A 147 7.50 19.10 10.95
C THR A 147 8.19 18.40 9.78
N LEU A 148 9.42 17.95 9.95
CA LEU A 148 10.11 17.29 8.86
C LEU A 148 9.33 16.09 8.37
N ASP A 149 9.44 15.79 7.07
CA ASP A 149 8.80 14.58 6.54
C ASP A 149 9.23 13.33 7.30
N VAL A 150 10.50 13.27 7.71
CA VAL A 150 11.00 12.05 8.33
C VAL A 150 10.50 11.87 9.76
N TYR A 151 9.83 12.88 10.34
CA TYR A 151 9.22 12.75 11.66
C TYR A 151 7.69 12.63 11.59
N ASN A 152 7.13 12.39 10.41
CA ASN A 152 5.68 12.24 10.26
C ASN A 152 5.20 11.07 11.12
N GLY A 153 4.43 11.36 12.15
CA GLY A 153 4.02 10.36 13.10
C GLY A 153 2.98 9.37 12.66
N LYS A 154 2.44 9.49 11.44
CA LYS A 154 1.23 8.75 11.12
C LYS A 154 1.48 7.26 10.95
N TYR A 155 2.65 6.86 10.42
CA TYR A 155 2.89 5.44 10.20
C TYR A 155 3.10 4.71 11.52
N LEU A 156 3.83 5.32 12.45
CA LEU A 156 4.05 4.70 13.75
C LEU A 156 2.77 4.65 14.57
N ALA A 157 2.02 5.76 14.61
CA ALA A 157 0.75 5.78 15.35
C ALA A 157 -0.22 4.75 14.79
N TYR A 158 -0.34 4.68 13.46
CA TYR A 158 -1.26 3.74 12.84
C TYR A 158 -0.80 2.30 13.02
N THR A 159 0.46 2.03 12.68
CA THR A 159 0.93 0.64 12.67
C THR A 159 0.95 0.05 14.08
N GLU A 160 1.38 0.82 15.07
CA GLU A 160 1.54 0.30 16.42
C GLU A 160 0.44 0.73 17.39
N GLU A 161 -0.58 1.46 16.93
CA GLU A 161 -1.72 1.80 17.80
C GLU A 161 -1.26 2.58 19.04
N VAL A 162 -0.43 3.60 18.79
CA VAL A 162 0.01 4.50 19.86
C VAL A 162 -0.45 5.90 19.49
N VAL A 163 -0.55 6.75 20.52
CA VAL A 163 -0.71 8.19 20.34
C VAL A 163 0.68 8.79 20.24
N LEU A 164 0.99 9.38 19.10
CA LEU A 164 2.34 9.88 18.81
C LEU A 164 2.33 11.40 18.83
N VAL A 165 3.11 11.98 19.75
CA VAL A 165 3.26 13.43 19.89
C VAL A 165 4.66 13.82 19.43
N SER A 166 4.76 14.91 18.66
CA SER A 166 6.06 15.55 18.47
C SER A 166 5.99 16.97 19.04
N LEU A 167 6.95 17.31 19.88
CA LEU A 167 7.00 18.62 20.49
C LEU A 167 7.99 19.49 19.72
N SER A 168 8.13 20.74 20.16
CA SER A 168 9.15 21.63 19.63
C SER A 168 9.78 22.36 20.79
N TYR A 169 10.93 22.98 20.53
CA TYR A 169 11.62 23.72 21.57
C TYR A 169 12.57 24.70 20.90
N ARG A 170 12.80 25.83 21.56
CA ARG A 170 13.73 26.83 21.05
C ARG A 170 15.15 26.25 20.95
N VAL A 171 15.82 26.59 19.84
CA VAL A 171 17.19 26.17 19.58
C VAL A 171 18.08 27.41 19.46
N GLY A 172 19.39 27.15 19.39
CA GLY A 172 20.35 28.22 19.30
C GLY A 172 20.32 29.14 20.52
N ALA A 173 20.73 30.39 20.28
CA ALA A 173 20.70 31.38 21.36
C ALA A 173 19.31 31.55 21.93
N PHE A 174 18.28 31.41 21.08
CA PHE A 174 16.90 31.58 21.53
C PHE A 174 16.54 30.56 22.60
N GLY A 175 17.11 29.38 22.55
CA GLY A 175 16.83 28.38 23.54
C GLY A 175 17.89 28.20 24.61
N PHE A 176 19.12 28.65 24.35
CA PHE A 176 20.20 28.24 25.24
C PHE A 176 21.22 29.32 25.58
N LEU A 177 21.01 30.58 25.15
CA LEU A 177 21.80 31.67 25.70
C LEU A 177 21.70 31.66 27.21
N ALA A 178 22.85 31.62 27.88
CA ALA A 178 22.89 31.39 29.33
C ALA A 178 23.73 32.47 30.02
N LEU A 179 23.07 33.33 30.78
CA LEU A 179 23.73 34.29 31.66
C LEU A 179 23.31 33.94 33.08
N HIS A 180 24.00 32.97 33.67
CA HIS A 180 23.59 32.42 34.96
C HIS A 180 23.59 33.52 36.02
N GLY A 181 22.53 33.53 36.83
CA GLY A 181 22.25 34.59 37.77
C GLY A 181 21.20 35.55 37.28
N SER A 182 21.04 35.68 35.97
CA SER A 182 19.94 36.44 35.40
C SER A 182 18.70 35.57 35.33
N GLN A 183 17.57 36.14 35.70
CA GLN A 183 16.31 35.47 35.45
C GLN A 183 15.73 35.82 34.09
N GLU A 184 16.35 36.77 33.37
CA GLU A 184 15.90 37.16 32.04
C GLU A 184 16.49 36.26 30.95
N ALA A 185 17.70 35.75 31.14
CA ALA A 185 18.31 34.79 30.22
C ALA A 185 19.05 33.75 31.05
N PRO A 186 18.33 32.87 31.76
CA PRO A 186 18.98 31.96 32.71
C PRO A 186 19.71 30.78 32.07
N GLY A 187 19.45 30.48 30.81
CA GLY A 187 19.91 29.26 30.20
C GLY A 187 18.87 28.15 30.30
N ASN A 188 19.07 27.12 29.48
CA ASN A 188 18.25 25.90 29.47
C ASN A 188 16.79 26.13 29.12
N VAL A 189 16.41 27.29 28.58
CA VAL A 189 14.98 27.49 28.40
C VAL A 189 14.43 26.58 27.29
N GLY A 190 15.28 26.16 26.35
CA GLY A 190 14.83 25.15 25.39
C GLY A 190 14.47 23.82 26.06
N LEU A 191 15.23 23.43 27.10
CA LEU A 191 14.86 22.26 27.87
C LEU A 191 13.55 22.48 28.62
N LEU A 192 13.35 23.69 29.15
CA LEU A 192 12.09 24.02 29.81
C LEU A 192 10.92 24.02 28.83
N ASP A 193 11.14 24.40 27.56
CA ASP A 193 10.10 24.26 26.54
C ASP A 193 9.67 22.82 26.41
N GLN A 194 10.65 21.90 26.31
CA GLN A 194 10.33 20.49 26.22
C GLN A 194 9.51 20.06 27.43
N ARG A 195 9.95 20.48 28.62
CA ARG A 195 9.26 20.10 29.84
C ARG A 195 7.82 20.63 29.84
N MET A 196 7.62 21.84 29.34
CA MET A 196 6.27 22.39 29.29
C MET A 196 5.39 21.59 28.35
N ALA A 197 5.94 21.11 27.25
CA ALA A 197 5.16 20.25 26.36
C ALA A 197 4.86 18.91 27.01
N LEU A 198 5.83 18.34 27.75
CA LEU A 198 5.56 17.12 28.52
C LEU A 198 4.50 17.37 29.58
N GLN A 199 4.53 18.53 30.24
CA GLN A 199 3.49 18.88 31.19
C GLN A 199 2.13 18.98 30.51
N TRP A 200 2.11 19.50 29.27
CA TRP A 200 0.84 19.59 28.54
C TRP A 200 0.32 18.21 28.20
N VAL A 201 1.20 17.32 27.76
CA VAL A 201 0.85 15.91 27.51
C VAL A 201 0.31 15.27 28.78
N HIS A 202 1.01 15.46 29.90
CA HIS A 202 0.55 14.94 31.19
C HIS A 202 -0.88 15.39 31.49
N ASP A 203 -1.17 16.66 31.24
CA ASP A 203 -2.46 17.26 31.60
C ASP A 203 -3.56 16.96 30.59
N ASN A 204 -3.22 16.74 29.31
CA ASN A 204 -4.23 16.73 28.26
C ASN A 204 -4.30 15.48 27.39
N ILE A 205 -3.27 14.63 27.36
CA ILE A 205 -3.29 13.56 26.38
C ILE A 205 -4.43 12.58 26.62
N GLN A 206 -4.97 12.53 27.86
CA GLN A 206 -6.13 11.67 28.11
C GLN A 206 -7.32 12.05 27.24
N PHE A 207 -7.42 13.33 26.83
CA PHE A 207 -8.55 13.73 26.00
C PHE A 207 -8.40 13.26 24.57
N PHE A 208 -7.21 12.79 24.20
CA PHE A 208 -6.93 12.27 22.87
C PHE A 208 -6.82 10.74 22.87
N GLY A 209 -7.19 10.09 23.96
CA GLY A 209 -7.07 8.65 24.04
C GLY A 209 -5.72 8.15 24.47
N GLY A 210 -4.88 8.99 25.05
CA GLY A 210 -3.57 8.59 25.53
C GLY A 210 -3.54 8.43 27.04
N ASP A 211 -2.71 7.50 27.51
CA ASP A 211 -2.57 7.26 28.93
C ASP A 211 -1.40 8.08 29.47
N PRO A 212 -1.65 9.14 30.25
CA PRO A 212 -0.53 9.95 30.75
C PRO A 212 0.40 9.22 31.71
N LYS A 213 0.02 8.03 32.19
CA LYS A 213 0.91 7.23 33.03
C LYS A 213 1.83 6.33 32.22
N THR A 214 1.67 6.27 30.90
CA THR A 214 2.50 5.41 30.05
C THR A 214 3.02 6.23 28.87
N VAL A 215 3.80 7.27 29.20
CA VAL A 215 4.42 8.15 28.20
C VAL A 215 5.90 7.76 28.07
N THR A 216 6.33 7.49 26.85
CA THR A 216 7.73 7.29 26.51
C THR A 216 8.21 8.51 25.74
N ILE A 217 9.29 9.12 26.20
CA ILE A 217 9.95 10.17 25.44
C ILE A 217 11.08 9.52 24.64
N PHE A 218 11.23 9.94 23.39
CA PHE A 218 12.30 9.42 22.55
C PHE A 218 12.82 10.54 21.66
N GLY A 219 14.11 10.46 21.34
CA GLY A 219 14.71 11.48 20.50
C GLY A 219 16.04 11.01 20.00
N GLU A 220 16.54 11.75 19.00
CA GLU A 220 17.82 11.43 18.35
C GLU A 220 18.75 12.63 18.46
N SER A 221 20.06 12.37 18.50
CA SER A 221 21.06 13.44 18.53
C SER A 221 20.78 14.30 19.78
N ALA A 222 20.61 15.61 19.64
CA ALA A 222 20.29 16.45 20.81
C ALA A 222 18.98 16.04 21.46
N GLY A 223 18.06 15.44 20.71
CA GLY A 223 16.84 14.92 21.30
C GLY A 223 17.12 13.72 22.20
N GLY A 224 18.10 12.89 21.83
CA GLY A 224 18.50 11.80 22.71
C GLY A 224 19.20 12.31 23.96
N ALA A 225 20.10 13.27 23.80
CA ALA A 225 20.69 13.91 24.97
C ALA A 225 19.62 14.54 25.86
N SER A 226 18.64 15.22 25.23
CA SER A 226 17.54 15.84 25.99
C SER A 226 16.77 14.81 26.79
N VAL A 227 16.42 13.68 26.17
CA VAL A 227 15.75 12.59 26.90
C VAL A 227 16.56 12.21 28.14
N GLY A 228 17.88 12.05 27.99
CA GLY A 228 18.71 11.73 29.13
C GLY A 228 18.74 12.84 30.16
N MET A 229 18.63 14.09 29.71
CA MET A 229 18.64 15.21 30.65
C MET A 229 17.35 15.26 31.46
N HIS A 230 16.22 14.86 30.87
CA HIS A 230 14.97 14.77 31.63
C HIS A 230 15.00 13.60 32.60
N ILE A 231 15.73 12.54 32.26
CA ILE A 231 15.94 11.45 33.21
C ILE A 231 16.70 11.98 34.43
N LEU A 232 17.68 12.84 34.20
CA LEU A 232 18.47 13.39 35.28
C LEU A 232 17.71 14.45 36.09
N SER A 233 16.95 15.31 35.41
CA SER A 233 16.45 16.51 36.07
C SER A 233 15.26 16.20 36.97
N PRO A 234 15.33 16.51 38.27
CA PRO A 234 14.18 16.26 39.16
C PRO A 234 12.88 16.85 38.66
N GLY A 235 12.91 18.05 38.07
CA GLY A 235 11.69 18.72 37.62
C GLY A 235 11.04 18.10 36.40
N SER A 236 11.72 17.15 35.74
CA SER A 236 11.16 16.46 34.59
C SER A 236 10.71 15.02 34.86
N ARG A 237 11.22 14.39 35.92
CA ARG A 237 11.14 12.94 36.05
C ARG A 237 9.71 12.42 36.12
N ASP A 238 8.80 13.17 36.73
CA ASP A 238 7.44 12.68 36.91
C ASP A 238 6.56 12.90 35.71
N LEU A 239 7.10 13.44 34.61
CA LEU A 239 6.32 13.76 33.42
C LEU A 239 6.46 12.73 32.32
N PHE A 240 7.05 11.56 32.60
CA PHE A 240 7.09 10.48 31.62
C PHE A 240 7.39 9.18 32.37
N ARG A 241 7.18 8.06 31.68
CA ARG A 241 7.34 6.73 32.26
C ARG A 241 8.71 6.11 31.96
N ARG A 242 9.10 6.11 30.69
CA ARG A 242 10.36 5.48 30.28
C ARG A 242 10.88 6.20 29.04
N ALA A 243 12.02 5.77 28.53
CA ALA A 243 12.81 6.64 27.67
C ALA A 243 13.56 5.87 26.62
N ILE A 244 13.66 6.46 25.42
CA ILE A 244 14.49 5.94 24.33
C ILE A 244 15.48 7.03 23.90
N LEU A 245 16.76 6.66 23.78
CA LEU A 245 17.80 7.60 23.35
C LEU A 245 18.47 7.05 22.10
N GLN A 246 18.46 7.84 21.02
CA GLN A 246 19.04 7.42 19.75
C GLN A 246 20.21 8.32 19.42
N SER A 247 21.42 7.74 19.37
CA SER A 247 22.62 8.49 18.93
C SER A 247 22.79 9.79 19.71
N GLY A 248 22.60 9.73 21.02
CA GLY A 248 22.88 10.88 21.85
C GLY A 248 22.67 10.55 23.31
N SER A 249 23.40 11.20 24.20
CA SER A 249 23.28 10.93 25.62
C SER A 249 23.62 12.22 26.35
N PRO A 250 23.16 12.38 27.60
CA PRO A 250 23.29 13.69 28.27
C PRO A 250 24.72 14.10 28.51
N ASN A 251 25.64 13.14 28.65
CA ASN A 251 27.04 13.42 28.96
C ASN A 251 27.90 13.60 27.71
N CYS A 252 27.29 13.67 26.53
CA CYS A 252 28.06 13.88 25.31
C CYS A 252 28.87 15.18 25.40
N PRO A 253 30.08 15.21 24.84
CA PRO A 253 30.96 16.39 25.04
C PRO A 253 30.41 17.66 24.42
N TRP A 254 29.52 17.53 23.45
CA TRP A 254 28.91 18.67 22.75
C TRP A 254 27.61 19.12 23.39
N ALA A 255 27.09 18.38 24.38
CA ALA A 255 25.70 18.54 24.81
C ALA A 255 25.51 19.49 25.99
N SER A 256 26.58 19.91 26.66
CA SER A 256 26.43 20.90 27.72
C SER A 256 27.72 21.70 27.85
N VAL A 257 27.62 22.85 28.51
CA VAL A 257 28.76 23.66 28.90
C VAL A 257 28.58 24.09 30.35
N SER A 258 29.67 24.57 30.96
CA SER A 258 29.61 25.13 32.31
C SER A 258 28.95 26.51 32.28
N VAL A 259 28.53 26.98 33.46
CA VAL A 259 27.92 28.32 33.51
C VAL A 259 28.92 29.37 33.07
N ALA A 260 30.20 29.16 33.39
CA ALA A 260 31.22 30.12 32.98
C ALA A 260 31.39 30.16 31.47
N GLU A 261 31.38 29.00 30.81
CA GLU A 261 31.53 28.98 29.36
C GLU A 261 30.26 29.48 28.66
N GLY A 262 29.08 29.15 29.18
CA GLY A 262 27.88 29.75 28.63
C GLY A 262 27.88 31.26 28.73
N ARG A 263 28.35 31.78 29.87
CA ARG A 263 28.45 33.23 30.02
C ARG A 263 29.44 33.82 29.03
N ARG A 264 30.60 33.18 28.86
CA ARG A 264 31.59 33.67 27.89
C ARG A 264 31.00 33.75 26.49
N ARG A 265 30.27 32.70 26.08
CA ARG A 265 29.69 32.68 24.74
C ARG A 265 28.59 33.71 24.58
N ALA A 266 27.82 33.98 25.64
CA ALA A 266 26.77 34.99 25.55
C ALA A 266 27.36 36.38 25.39
N VAL A 267 28.41 36.67 26.16
CA VAL A 267 29.09 37.96 26.07
C VAL A 267 29.73 38.12 24.69
N GLU A 268 30.35 37.05 24.19
CA GLU A 268 30.96 37.09 22.86
C GLU A 268 29.91 37.29 21.78
N LEU A 269 28.71 36.73 21.95
CA LEU A 269 27.64 37.01 21.00
C LEU A 269 27.34 38.50 20.98
N GLY A 270 27.23 39.11 22.17
CA GLY A 270 27.02 40.54 22.24
C GLY A 270 28.15 41.34 21.63
N ARG A 271 29.40 40.91 21.88
CA ARG A 271 30.55 41.57 21.28
C ARG A 271 30.46 41.54 19.76
N ASN A 272 30.08 40.39 19.19
CA ASN A 272 29.92 40.29 17.75
C ASN A 272 28.87 41.25 17.20
N LEU A 273 27.92 41.67 18.03
CA LEU A 273 26.82 42.51 17.56
C LEU A 273 26.88 43.93 18.15
N ASN A 274 28.05 44.35 18.62
CA ASN A 274 28.28 45.71 19.11
C ASN A 274 27.34 46.05 20.26
N CYS A 275 27.13 45.09 21.16
CA CYS A 275 26.23 45.30 22.28
C CYS A 275 26.95 45.95 23.45
N ASN A 276 26.18 46.64 24.28
CA ASN A 276 26.68 47.07 25.58
C ASN A 276 26.94 45.84 26.44
N LEU A 277 28.14 45.73 27.00
CA LEU A 277 28.53 44.54 27.75
C LEU A 277 28.69 44.79 29.24
N ASN A 278 28.27 45.96 29.74
CA ASN A 278 28.57 46.31 31.14
C ASN A 278 27.78 45.48 32.14
N SER A 279 26.60 45.02 31.76
CA SER A 279 25.76 44.26 32.68
C SER A 279 24.90 43.27 31.90
N ASP A 280 24.45 42.23 32.60
CA ASP A 280 23.52 41.28 31.99
C ASP A 280 22.29 41.98 31.44
N GLU A 281 21.71 42.90 32.20
CA GLU A 281 20.50 43.59 31.74
C GLU A 281 20.75 44.35 30.45
N GLU A 282 21.90 45.05 30.35
CA GLU A 282 22.15 45.85 29.15
C GLU A 282 22.47 44.96 27.96
N LEU A 283 23.24 43.89 28.20
CA LEU A 283 23.52 42.91 27.15
C LEU A 283 22.23 42.26 26.65
N ILE A 284 21.39 41.80 27.58
CA ILE A 284 20.14 41.16 27.18
C ILE A 284 19.25 42.16 26.45
N HIS A 285 19.16 43.39 26.95
CA HIS A 285 18.33 44.38 26.28
C HIS A 285 18.78 44.59 24.84
N CYS A 286 20.10 44.61 24.62
CA CYS A 286 20.65 44.76 23.28
C CYS A 286 20.29 43.57 22.41
N LEU A 287 20.54 42.35 22.89
CA LEU A 287 20.27 41.15 22.12
C LEU A 287 18.79 41.04 21.77
N ARG A 288 17.90 41.51 22.66
CA ARG A 288 16.46 41.45 22.36
C ARG A 288 16.03 42.45 21.30
N GLU A 289 16.86 43.46 20.99
CA GLU A 289 16.53 44.39 19.92
C GLU A 289 16.88 43.85 18.55
N LYS A 290 17.74 42.83 18.47
CA LYS A 290 18.20 42.32 17.20
C LYS A 290 17.12 41.46 16.54
N LYS A 291 17.11 41.50 15.21
CA LYS A 291 16.28 40.57 14.46
C LYS A 291 16.87 39.16 14.63
N PRO A 292 16.02 38.13 14.60
CA PRO A 292 16.53 36.75 14.81
C PRO A 292 17.69 36.39 13.90
N GLN A 293 17.61 36.75 12.62
CA GLN A 293 18.67 36.37 11.70
C GLN A 293 19.99 37.04 12.05
N GLU A 294 19.96 38.21 12.70
CA GLU A 294 21.20 38.86 13.13
C GLU A 294 21.93 38.01 14.14
N LEU A 295 21.20 37.39 15.06
CA LEU A 295 21.84 36.48 16.02
C LEU A 295 22.37 35.25 15.32
N ILE A 296 21.55 34.66 14.45
CA ILE A 296 21.93 33.41 13.79
C ILE A 296 23.19 33.61 12.95
N ASP A 297 23.30 34.78 12.30
CA ASP A 297 24.43 35.02 11.39
C ASP A 297 25.78 34.99 12.10
N VAL A 298 25.83 35.26 13.41
CA VAL A 298 27.10 35.26 14.14
C VAL A 298 27.18 34.11 15.15
N GLU A 299 26.22 33.19 15.13
CA GLU A 299 26.12 32.17 16.17
C GLU A 299 27.39 31.33 16.27
N TRP A 300 27.92 30.88 15.14
CA TRP A 300 29.09 30.02 15.18
C TRP A 300 30.36 30.74 15.60
N ASN A 301 30.34 32.08 15.61
CA ASN A 301 31.56 32.84 15.92
C ASN A 301 31.95 32.73 17.39
N VAL A 302 31.06 32.27 18.27
CA VAL A 302 31.39 32.25 19.70
C VAL A 302 32.01 30.95 20.17
N LEU A 303 32.13 29.94 19.30
CA LEU A 303 32.83 28.72 19.68
C LEU A 303 34.28 29.03 20.03
N PRO A 304 34.84 28.36 21.04
CA PRO A 304 36.21 28.70 21.46
C PRO A 304 37.29 28.11 20.57
N PHE A 305 36.99 27.09 19.78
CA PHE A 305 37.98 26.40 18.96
C PHE A 305 37.45 26.18 17.56
N ASP A 306 38.37 26.12 16.61
CA ASP A 306 38.07 25.46 15.34
C ASP A 306 37.75 24.00 15.64
N SER A 307 36.60 23.53 15.18
CA SER A 307 36.11 22.24 15.68
C SER A 307 35.03 21.72 14.75
N ILE A 308 34.76 20.42 14.87
CA ILE A 308 33.56 19.81 14.34
C ILE A 308 32.83 19.15 15.50
N PHE A 309 31.52 18.92 15.30
CA PHE A 309 30.66 18.33 16.34
C PHE A 309 30.69 19.15 17.64
N ARG A 310 30.75 20.48 17.49
CA ARG A 310 30.60 21.40 18.61
C ARG A 310 29.61 22.49 18.22
N PHE A 311 28.72 22.85 19.15
CA PHE A 311 27.63 23.76 18.89
C PHE A 311 27.62 24.87 19.94
N SER A 312 27.17 26.05 19.52
CA SER A 312 27.41 27.26 20.32
C SER A 312 26.55 27.31 21.58
N PHE A 313 25.25 27.17 21.44
CA PHE A 313 24.31 27.40 22.54
C PHE A 313 23.64 26.08 22.90
N VAL A 314 24.04 25.53 24.04
CA VAL A 314 23.66 24.18 24.48
C VAL A 314 23.27 24.25 25.96
N PRO A 315 22.66 23.20 26.53
CA PRO A 315 22.36 23.21 27.97
C PRO A 315 23.55 23.60 28.84
N VAL A 316 23.25 24.28 29.96
CA VAL A 316 24.26 24.67 30.93
CA VAL A 316 24.22 24.63 31.01
C VAL A 316 24.04 23.88 32.21
N ILE A 317 25.14 23.46 32.85
CA ILE A 317 25.09 22.78 34.13
C ILE A 317 24.90 23.85 35.20
N ASP A 318 23.65 24.12 35.58
CA ASP A 318 23.31 25.36 36.28
C ASP A 318 23.07 25.21 37.78
N GLY A 319 23.00 23.99 38.31
CA GLY A 319 22.60 23.83 39.70
C GLY A 319 21.11 23.92 39.94
N GLU A 320 20.30 24.00 38.89
CA GLU A 320 18.86 24.11 39.01
C GLU A 320 18.18 23.03 38.17
N PHE A 321 18.24 23.14 36.84
CA PHE A 321 17.79 22.03 36.00
C PHE A 321 18.63 20.80 36.28
N PHE A 322 19.94 20.99 36.45
CA PHE A 322 20.86 19.94 36.81
C PHE A 322 21.40 20.24 38.20
N PRO A 323 20.97 19.54 39.24
CA PRO A 323 21.37 19.93 40.61
C PRO A 323 22.86 19.91 40.85
N THR A 324 23.58 18.95 40.28
CA THR A 324 25.03 18.89 40.37
C THR A 324 25.57 18.48 39.01
N SER A 325 26.88 18.22 38.95
CA SER A 325 27.47 17.76 37.70
C SER A 325 26.78 16.48 37.21
N LEU A 326 26.79 16.29 35.89
CA LEU A 326 26.18 15.09 35.34
C LEU A 326 26.88 13.83 35.87
N GLU A 327 28.20 13.87 35.98
CA GLU A 327 28.91 12.67 36.42
C GLU A 327 28.55 12.31 37.86
N SER A 328 28.45 13.31 38.74
CA SER A 328 28.10 13.00 40.13
C SER A 328 26.67 12.50 40.25
N MET A 329 25.74 13.08 39.48
CA MET A 329 24.38 12.55 39.47
C MET A 329 24.36 11.11 39.00
N LEU A 330 25.14 10.80 37.96
CA LEU A 330 25.17 9.43 37.44
C LEU A 330 25.83 8.49 38.45
N ASN A 331 26.89 8.96 39.13
CA ASN A 331 27.56 8.10 40.11
C ASN A 331 26.68 7.84 41.33
N SER A 332 25.94 8.85 41.78
CA SER A 332 25.13 8.71 42.98
C SER A 332 23.76 8.11 42.72
N GLY A 333 23.42 7.83 41.46
CA GLY A 333 22.08 7.34 41.17
C GLY A 333 20.99 8.38 41.29
N ASN A 334 21.35 9.66 41.25
CA ASN A 334 20.39 10.75 41.37
C ASN A 334 19.72 10.97 40.01
N PHE A 335 18.78 10.10 39.68
CA PHE A 335 18.09 10.18 38.40
C PHE A 335 16.89 9.23 38.44
N LYS A 336 16.02 9.39 37.45
CA LYS A 336 14.81 8.58 37.35
C LYS A 336 15.17 7.12 37.10
N LYS A 337 14.65 6.22 37.95
CA LYS A 337 14.88 4.78 37.81
C LYS A 337 13.73 4.15 37.05
N THR A 338 14.01 3.70 35.83
CA THR A 338 12.97 3.16 34.96
C THR A 338 13.67 2.28 33.93
N GLN A 339 12.97 1.92 32.86
CA GLN A 339 13.57 1.20 31.74
C GLN A 339 14.01 2.16 30.65
N ILE A 340 15.14 1.85 30.00
CA ILE A 340 15.61 2.63 28.87
C ILE A 340 15.97 1.71 27.71
N LEU A 341 15.82 2.24 26.51
CA LEU A 341 16.23 1.56 25.29
C LEU A 341 17.03 2.57 24.49
N LEU A 342 18.22 2.17 24.00
CA LEU A 342 19.07 3.18 23.39
C LEU A 342 20.11 2.52 22.51
N GLY A 343 20.74 3.32 21.66
CA GLY A 343 21.72 2.76 20.76
C GLY A 343 22.31 3.82 19.86
N VAL A 344 23.14 3.34 18.92
CA VAL A 344 23.96 4.20 18.08
C VAL A 344 23.98 3.61 16.68
N ASN A 345 24.51 4.40 15.74
CA ASN A 345 24.67 3.98 14.36
C ASN A 345 26.15 3.68 14.07
N LYS A 346 26.39 2.93 13.00
CA LYS A 346 27.75 2.44 12.74
C LYS A 346 28.71 3.59 12.43
N ASP A 347 28.25 4.63 11.73
CA ASP A 347 29.17 5.67 11.25
C ASP A 347 28.64 7.06 11.61
N GLU A 348 28.55 7.34 12.92
CA GLU A 348 28.01 8.61 13.39
C GLU A 348 28.86 9.80 12.95
N GLY A 349 30.14 9.57 12.62
CA GLY A 349 31.03 10.70 12.39
C GLY A 349 31.01 11.29 11.00
N SER A 350 30.51 10.55 10.00
CA SER A 350 30.78 10.88 8.61
C SER A 350 30.16 12.22 8.20
N PHE A 351 28.94 12.49 8.66
CA PHE A 351 28.28 13.76 8.33
C PHE A 351 29.12 14.95 8.78
N PHE A 352 29.68 14.89 9.99
CA PHE A 352 30.42 16.03 10.50
C PHE A 352 31.73 16.22 9.77
N LEU A 353 32.38 15.13 9.34
CA LEU A 353 33.60 15.28 8.55
C LEU A 353 33.31 15.87 7.18
N LEU A 354 32.27 15.37 6.52
CA LEU A 354 31.85 15.93 5.23
C LEU A 354 31.69 17.45 5.32
N TYR A 355 31.03 17.92 6.38
CA TYR A 355 30.71 19.34 6.44
C TYR A 355 31.86 20.18 7.00
N GLY A 356 32.79 19.59 7.75
CA GLY A 356 33.74 20.44 8.46
C GLY A 356 35.21 20.08 8.38
N ALA A 357 35.57 18.98 7.71
CA ALA A 357 36.97 18.56 7.79
C ALA A 357 37.61 18.46 6.40
N PRO A 358 38.91 18.74 6.30
CA PRO A 358 39.58 18.78 4.98
C PRO A 358 39.70 17.39 4.36
N GLY A 359 39.43 17.32 3.04
CA GLY A 359 39.59 16.11 2.27
C GLY A 359 38.33 15.31 2.00
N PHE A 360 37.19 15.70 2.58
CA PHE A 360 35.95 14.95 2.43
C PHE A 360 35.06 15.62 1.40
N SER A 361 34.34 14.79 0.64
CA SER A 361 33.48 15.28 -0.41
C SER A 361 32.30 14.34 -0.57
N LYS A 362 31.15 14.91 -0.92
CA LYS A 362 29.96 14.14 -1.24
C LYS A 362 30.11 13.37 -2.54
N ASP A 363 31.02 13.81 -3.42
CA ASP A 363 31.08 13.29 -4.79
C ASP A 363 32.33 12.44 -5.02
N SER A 364 32.99 11.99 -3.96
CA SER A 364 34.19 11.17 -4.12
C SER A 364 34.26 10.19 -2.96
N GLU A 365 35.18 9.24 -3.07
CA GLU A 365 35.43 8.29 -1.98
C GLU A 365 36.13 8.93 -0.80
N SER A 366 36.63 10.15 -0.94
CA SER A 366 37.21 10.91 0.17
C SER A 366 38.34 10.13 0.84
N LYS A 367 39.27 9.61 0.03
CA LYS A 367 40.50 9.09 0.60
C LYS A 367 41.28 10.24 1.22
N ILE A 368 41.71 10.04 2.45
CA ILE A 368 42.24 11.10 3.31
C ILE A 368 43.75 10.94 3.39
N SER A 369 44.47 12.01 3.05
CA SER A 369 45.91 12.03 3.23
C SER A 369 46.27 12.05 4.71
N ARG A 370 47.53 11.70 4.99
CA ARG A 370 48.03 11.77 6.35
C ARG A 370 47.93 13.18 6.93
N GLU A 371 48.26 14.18 6.12
CA GLU A 371 48.18 15.56 6.58
C GLU A 371 46.74 15.94 6.93
N ASP A 372 45.78 15.56 6.07
CA ASP A 372 44.38 15.85 6.36
C ASP A 372 43.86 15.00 7.51
N PHE A 373 44.41 13.80 7.71
CA PHE A 373 44.08 13.02 8.89
C PHE A 373 44.46 13.79 10.15
N MET A 374 45.69 14.28 10.22
CA MET A 374 46.14 14.98 11.42
C MET A 374 45.31 16.25 11.64
N SER A 375 44.95 16.95 10.56
CA SER A 375 44.06 18.10 10.70
C SER A 375 42.71 17.70 11.26
N GLY A 376 42.17 16.58 10.78
CA GLY A 376 40.88 16.11 11.25
C GLY A 376 40.89 15.74 12.73
N VAL A 377 41.96 15.10 13.19
CA VAL A 377 42.05 14.76 14.61
C VAL A 377 41.96 16.01 15.46
N LYS A 378 42.66 17.06 15.05
CA LYS A 378 42.68 18.32 15.80
C LYS A 378 41.29 18.95 15.85
N LEU A 379 40.58 18.97 14.72
CA LEU A 379 39.19 19.46 14.69
C LEU A 379 38.28 18.63 15.55
N SER A 380 38.52 17.32 15.61
CA SER A 380 37.63 16.38 16.29
C SER A 380 37.81 16.40 17.79
N VAL A 381 39.03 16.68 18.28
CA VAL A 381 39.25 16.71 19.72
C VAL A 381 39.82 18.07 20.06
N PRO A 382 39.00 19.14 19.94
CA PRO A 382 39.57 20.50 20.01
C PRO A 382 40.12 20.85 21.36
N HIS A 383 39.66 20.18 22.41
CA HIS A 383 40.06 20.46 23.78
C HIS A 383 41.34 19.74 24.19
N ALA A 384 41.95 18.95 23.32
CA ALA A 384 43.10 18.13 23.70
C ALA A 384 44.42 18.88 23.52
N ASN A 385 45.34 18.66 24.45
CA ASN A 385 46.71 19.12 24.25
C ASN A 385 47.40 18.22 23.23
N ASP A 386 48.67 18.53 22.94
CA ASP A 386 49.39 17.78 21.92
C ASP A 386 49.64 16.34 22.33
N LEU A 387 49.86 16.08 23.62
CA LEU A 387 49.97 14.70 24.07
C LEU A 387 48.66 13.97 23.87
N GLY A 388 47.54 14.63 24.13
CA GLY A 388 46.25 14.03 23.87
C GLY A 388 46.04 13.72 22.40
N LEU A 389 46.42 14.64 21.50
CA LEU A 389 46.26 14.38 20.08
C LEU A 389 47.14 13.23 19.63
N ASP A 390 48.37 13.14 20.15
CA ASP A 390 49.23 11.99 19.86
C ASP A 390 48.59 10.69 20.27
N ALA A 391 47.95 10.68 21.45
CA ALA A 391 47.31 9.45 21.94
C ALA A 391 46.18 9.03 21.00
N VAL A 392 45.33 9.98 20.61
CA VAL A 392 44.25 9.66 19.66
C VAL A 392 44.84 9.13 18.36
N THR A 393 45.88 9.79 17.84
CA THR A 393 46.45 9.40 16.56
C THR A 393 47.00 7.98 16.63
N LEU A 394 47.70 7.66 17.70
CA LEU A 394 48.27 6.32 17.84
C LEU A 394 47.17 5.28 17.94
N GLN A 395 46.08 5.61 18.64
CA GLN A 395 45.03 4.63 18.84
C GLN A 395 44.32 4.30 17.53
N TYR A 396 44.32 5.22 16.55
CA TYR A 396 43.54 5.04 15.34
C TYR A 396 44.40 4.98 14.07
N THR A 397 45.71 4.75 14.19
CA THR A 397 46.58 4.72 13.02
C THR A 397 47.19 3.33 12.89
N ASP A 398 47.11 2.76 11.69
CA ASP A 398 47.80 1.51 11.38
C ASP A 398 49.19 1.91 10.88
N TRP A 399 50.21 1.74 11.72
CA TRP A 399 51.55 2.17 11.30
C TRP A 399 52.25 1.17 10.37
N MET A 400 51.62 0.04 10.06
CA MET A 400 52.06 -0.75 8.93
C MET A 400 51.57 -0.19 7.59
N ASP A 401 50.65 0.77 7.61
CA ASP A 401 49.96 1.17 6.39
C ASP A 401 49.36 2.56 6.54
N ASP A 402 50.18 3.52 6.98
CA ASP A 402 49.74 4.82 7.44
C ASP A 402 49.38 5.78 6.30
N ASN A 403 49.75 5.46 5.06
CA ASN A 403 49.37 6.28 3.92
C ASN A 403 48.19 5.70 3.16
N ASN A 404 47.45 4.77 3.77
CA ASN A 404 46.26 4.19 3.17
C ASN A 404 45.12 5.18 3.35
N GLY A 405 44.65 5.77 2.25
CA GLY A 405 43.63 6.81 2.36
C GLY A 405 42.28 6.31 2.83
N ILE A 406 41.95 5.04 2.57
CA ILE A 406 40.71 4.49 3.08
C ILE A 406 40.79 4.29 4.59
N LYS A 407 41.91 3.76 5.08
CA LYS A 407 42.09 3.58 6.51
C LYS A 407 42.13 4.92 7.22
N ASN A 408 42.75 5.92 6.60
CA ASN A 408 42.80 7.23 7.25
C ASN A 408 41.41 7.83 7.34
N ARG A 409 40.64 7.71 6.26
CA ARG A 409 39.26 8.21 6.23
C ARG A 409 38.39 7.51 7.26
N ASP A 410 38.44 6.16 7.29
CA ASP A 410 37.60 5.43 8.22
C ASP A 410 38.06 5.61 9.67
N GLY A 411 39.37 5.79 9.88
CA GLY A 411 39.86 6.06 11.23
C GLY A 411 39.35 7.38 11.77
N LEU A 412 39.37 8.42 10.92
CA LEU A 412 38.78 9.69 11.31
C LEU A 412 37.28 9.56 11.56
N ASP A 413 36.57 8.82 10.69
CA ASP A 413 35.15 8.58 10.90
C ASP A 413 34.91 7.96 12.26
N ASP A 414 35.70 6.95 12.63
CA ASP A 414 35.52 6.30 13.91
C ASP A 414 35.86 7.22 15.08
N ILE A 415 36.92 8.02 14.94
CA ILE A 415 37.27 8.97 16.00
C ILE A 415 36.09 9.88 16.30
N VAL A 416 35.53 10.50 15.26
CA VAL A 416 34.41 11.42 15.49
C VAL A 416 33.24 10.70 16.12
N GLY A 417 32.88 9.53 15.61
CA GLY A 417 31.73 8.81 16.14
C GLY A 417 31.98 8.29 17.55
N ASP A 418 33.16 7.72 17.79
CA ASP A 418 33.45 7.16 19.11
C ASP A 418 33.49 8.26 20.17
N HIS A 419 34.18 9.36 19.89
CA HIS A 419 34.34 10.42 20.88
C HIS A 419 33.02 11.11 21.18
N ASN A 420 32.23 11.38 20.15
CA ASN A 420 31.06 12.24 20.31
C ASN A 420 29.76 11.50 20.62
N VAL A 421 29.63 10.23 20.23
CA VAL A 421 28.34 9.55 20.35
C VAL A 421 28.49 8.21 21.06
N ILE A 422 29.29 7.30 20.50
CA ILE A 422 29.25 5.92 20.97
C ILE A 422 29.82 5.81 22.38
N CYS A 423 31.02 6.34 22.62
CA CYS A 423 31.58 6.12 23.95
C CYS A 423 30.87 6.92 25.05
N PRO A 424 30.45 8.18 24.82
CA PRO A 424 29.62 8.84 25.85
C PRO A 424 28.37 8.05 26.16
N LEU A 425 27.73 7.47 25.13
CA LEU A 425 26.53 6.69 25.37
C LEU A 425 26.87 5.42 26.15
N MET A 426 27.99 4.77 25.83
CA MET A 426 28.36 3.58 26.59
C MET A 426 28.67 3.92 28.05
N HIS A 427 29.27 5.08 28.30
CA HIS A 427 29.46 5.52 29.68
C HIS A 427 28.12 5.69 30.39
N PHE A 428 27.18 6.35 29.72
CA PHE A 428 25.84 6.53 30.28
C PHE A 428 25.17 5.19 30.54
N VAL A 429 25.26 4.28 29.57
CA VAL A 429 24.63 2.96 29.69
C VAL A 429 25.17 2.24 30.91
N ASN A 430 26.48 2.21 30.96
CA ASN A 430 27.04 1.62 32.13
CA ASN A 430 27.13 1.55 32.20
C ASN A 430 26.68 2.15 33.62
N LYS A 431 26.69 3.48 33.61
CA LYS A 431 26.30 4.14 34.86
C LYS A 431 24.81 3.96 35.14
N TYR A 432 23.96 4.13 34.11
CA TYR A 432 22.51 4.02 34.33
C TYR A 432 22.13 2.62 34.80
N THR A 433 22.68 1.60 34.16
CA THR A 433 22.27 0.22 34.40
C THR A 433 22.54 -0.23 35.83
N LYS A 434 23.47 0.42 36.54
CA LYS A 434 23.70 0.06 37.93
C LYS A 434 22.48 0.30 38.81
N PHE A 435 21.70 1.35 38.52
CA PHE A 435 20.55 1.75 39.32
C PHE A 435 19.20 1.58 38.62
N GLY A 436 19.18 1.45 37.29
CA GLY A 436 17.93 1.44 36.56
C GLY A 436 17.20 0.12 36.66
N ASN A 437 16.06 0.04 35.96
CA ASN A 437 15.18 -1.13 36.06
C ASN A 437 15.09 -1.87 34.73
N GLY A 438 16.09 -1.72 33.85
CA GLY A 438 16.09 -2.47 32.59
C GLY A 438 16.68 -1.68 31.44
N THR A 439 17.74 -2.17 30.82
CA THR A 439 18.42 -1.48 29.73
C THR A 439 18.43 -2.37 28.49
N TYR A 440 18.05 -1.81 27.35
CA TYR A 440 18.13 -2.50 26.06
C TYR A 440 18.96 -1.66 25.11
N LEU A 441 20.03 -2.25 24.58
CA LEU A 441 21.05 -1.54 23.79
C LEU A 441 21.08 -2.07 22.36
N TYR A 442 21.18 -1.18 21.37
CA TYR A 442 21.20 -1.60 19.97
C TYR A 442 22.37 -0.96 19.23
N PHE A 443 22.77 -1.59 18.13
CA PHE A 443 23.78 -1.08 17.20
C PHE A 443 23.15 -1.12 15.82
N PHE A 444 22.78 0.04 15.28
CA PHE A 444 22.10 0.09 13.99
C PHE A 444 23.16 0.22 12.88
N ASN A 445 23.27 -0.80 12.04
CA ASN A 445 24.35 -0.78 11.04
C ASN A 445 23.83 -1.16 9.66
N HIS A 446 22.60 -0.79 9.34
CA HIS A 446 22.07 -1.02 8.00
C HIS A 446 22.18 0.24 7.17
N ARG A 447 22.80 0.13 5.99
CA ARG A 447 22.85 1.22 5.04
C ARG A 447 21.66 1.10 4.09
N ALA A 448 20.86 2.16 4.00
CA ALA A 448 19.64 2.11 3.21
C ALA A 448 19.95 1.93 1.74
N SER A 449 19.15 1.10 1.07
CA SER A 449 19.39 0.79 -0.33
C SER A 449 19.27 2.04 -1.21
N ASN A 450 18.43 2.98 -0.82
CA ASN A 450 18.12 4.18 -1.61
C ASN A 450 18.85 5.42 -1.09
N LEU A 451 19.89 5.25 -0.27
CA LEU A 451 20.59 6.40 0.30
C LEU A 451 21.20 7.26 -0.81
N VAL A 452 21.05 8.58 -0.67
CA VAL A 452 21.57 9.52 -1.66
C VAL A 452 22.98 9.99 -1.34
N TRP A 453 23.49 9.71 -0.13
CA TRP A 453 24.85 10.02 0.28
C TRP A 453 25.81 8.90 -0.15
N PRO A 454 27.08 9.21 -0.38
CA PRO A 454 27.98 8.22 -0.96
C PRO A 454 28.34 7.11 0.04
N GLU A 455 28.91 6.04 -0.51
CA GLU A 455 29.10 4.83 0.29
C GLU A 455 30.10 5.02 1.43
N TRP A 456 31.07 5.93 1.28
CA TRP A 456 32.06 6.09 2.35
C TRP A 456 31.45 6.59 3.64
N MET A 457 30.30 7.26 3.58
CA MET A 457 29.71 7.77 4.81
C MET A 457 28.99 6.69 5.62
N GLY A 458 28.71 5.53 5.02
CA GLY A 458 28.24 4.40 5.81
C GLY A 458 26.85 4.61 6.36
N VAL A 459 26.67 4.26 7.64
CA VAL A 459 25.39 4.35 8.34
C VAL A 459 25.44 5.65 9.14
N ILE A 460 24.74 6.66 8.63
CA ILE A 460 24.95 8.07 8.92
C ILE A 460 24.14 8.50 10.14
N HIS A 461 24.69 9.46 10.88
CA HIS A 461 24.01 10.12 11.98
C HIS A 461 22.67 10.67 11.49
N GLY A 462 21.59 10.14 12.06
CA GLY A 462 20.23 10.54 11.72
C GLY A 462 19.47 9.54 10.87
N TYR A 463 20.15 8.55 10.28
CA TYR A 463 19.53 7.76 9.23
C TYR A 463 18.89 6.48 9.75
N GLU A 464 18.86 6.28 11.06
CA GLU A 464 17.96 5.29 11.63
C GLU A 464 16.55 5.85 11.82
N ILE A 465 16.42 7.18 11.84
CA ILE A 465 15.13 7.79 12.16
C ILE A 465 14.07 7.33 11.16
N GLU A 466 14.40 7.32 9.86
CA GLU A 466 13.39 6.96 8.87
C GLU A 466 12.87 5.54 9.06
N PHE A 467 13.67 4.66 9.67
CA PHE A 467 13.16 3.32 9.99
C PHE A 467 12.27 3.34 11.22
N VAL A 468 12.62 4.13 12.23
CA VAL A 468 11.81 4.25 13.45
C VAL A 468 10.43 4.80 13.13
N PHE A 469 10.33 5.72 12.17
CA PHE A 469 9.06 6.35 11.84
C PHE A 469 8.34 5.65 10.70
N GLY A 470 8.87 4.56 10.18
CA GLY A 470 8.10 3.72 9.28
C GLY A 470 8.11 4.13 7.84
N LEU A 471 9.02 5.02 7.44
CA LEU A 471 9.08 5.42 6.05
C LEU A 471 9.33 4.27 5.07
N PRO A 472 10.03 3.19 5.40
CA PRO A 472 10.12 2.07 4.45
C PRO A 472 8.78 1.43 4.10
N LEU A 473 7.74 1.67 4.90
CA LEU A 473 6.41 1.15 4.58
C LEU A 473 5.76 1.88 3.40
N VAL A 474 6.34 2.98 2.93
CA VAL A 474 5.77 3.78 1.85
C VAL A 474 6.35 3.30 0.55
N LYS A 475 5.52 2.67 -0.29
CA LYS A 475 6.00 2.07 -1.54
C LYS A 475 6.75 3.07 -2.41
N GLU A 476 6.21 4.28 -2.55
CA GLU A 476 6.80 5.27 -3.44
C GLU A 476 8.20 5.71 -3.01
N LEU A 477 8.64 5.37 -1.80
CA LEU A 477 9.97 5.77 -1.36
C LEU A 477 11.05 4.74 -1.72
N ASN A 478 10.66 3.57 -2.21
CA ASN A 478 11.57 2.63 -2.87
C ASN A 478 12.58 2.02 -1.91
N TYR A 479 12.14 1.66 -0.71
CA TYR A 479 12.91 0.76 0.12
C TYR A 479 12.66 -0.68 -0.33
N THR A 480 13.60 -1.56 0.00
CA THR A 480 13.40 -2.97 -0.28
C THR A 480 12.37 -3.57 0.67
N ALA A 481 11.89 -4.75 0.32
CA ALA A 481 10.96 -5.45 1.20
C ALA A 481 11.64 -5.86 2.50
N GLU A 482 12.94 -6.14 2.46
CA GLU A 482 13.66 -6.43 3.70
C GLU A 482 13.76 -5.19 4.57
N GLU A 483 13.84 -4.01 3.95
CA GLU A 483 13.89 -2.78 4.73
C GLU A 483 12.51 -2.45 5.32
N GLU A 484 11.43 -2.75 4.61
CA GLU A 484 10.11 -2.63 5.23
C GLU A 484 10.00 -3.54 6.45
N ALA A 485 10.48 -4.78 6.34
CA ALA A 485 10.41 -5.69 7.48
C ALA A 485 11.24 -5.17 8.65
N LEU A 486 12.44 -4.67 8.37
CA LEU A 486 13.28 -4.09 9.41
C LEU A 486 12.57 -2.92 10.09
N SER A 487 12.00 -2.01 9.30
CA SER A 487 11.25 -0.90 9.86
C SER A 487 10.09 -1.40 10.73
N ARG A 488 9.35 -2.40 10.25
CA ARG A 488 8.28 -2.94 11.07
C ARG A 488 8.83 -3.56 12.35
N ARG A 489 9.96 -4.25 12.24
CA ARG A 489 10.91 -4.76 13.22
CA ARG A 489 10.73 -4.67 13.38
C ARG A 489 11.54 -3.92 14.42
N ILE A 490 11.53 -2.60 13.92
CA ILE A 490 12.00 -1.54 14.80
C ILE A 490 10.82 -0.81 15.43
N MET A 491 9.82 -0.45 14.63
CA MET A 491 8.63 0.18 15.19
C MET A 491 7.99 -0.69 16.27
N HIS A 492 7.93 -2.00 16.04
CA HIS A 492 7.32 -2.87 17.04
C HIS A 492 8.19 -3.00 18.29
N TYR A 493 9.52 -3.05 18.13
CA TYR A 493 10.39 -2.98 19.30
C TYR A 493 10.15 -1.70 20.10
N TRP A 494 10.16 -0.54 19.42
CA TRP A 494 10.03 0.74 20.09
C TRP A 494 8.69 0.85 20.81
N ALA A 495 7.61 0.49 20.12
CA ALA A 495 6.27 0.65 20.69
C ALA A 495 5.97 -0.41 21.73
N THR A 496 6.50 -1.62 21.57
CA THR A 496 6.33 -2.61 22.62
C THR A 496 7.12 -2.22 23.87
N PHE A 497 8.33 -1.68 23.68
CA PHE A 497 9.06 -1.16 24.84
C PHE A 497 8.27 -0.04 25.51
N ALA A 498 7.74 0.90 24.72
CA ALA A 498 6.98 1.99 25.30
C ALA A 498 5.80 1.46 26.11
N LYS A 499 5.11 0.44 25.60
CA LYS A 499 3.94 -0.12 26.28
C LYS A 499 4.30 -0.87 27.57
N THR A 500 5.42 -1.61 27.58
CA THR A 500 5.68 -2.61 28.61
C THR A 500 7.02 -2.48 29.33
N GLY A 501 7.96 -1.68 28.81
CA GLY A 501 9.31 -1.64 29.33
C GLY A 501 10.20 -2.74 28.81
N ASN A 502 9.76 -3.46 27.79
CA ASN A 502 10.48 -4.60 27.24
C ASN A 502 10.16 -4.64 25.75
N PRO A 503 11.16 -4.53 24.88
CA PRO A 503 10.89 -4.52 23.44
C PRO A 503 10.37 -5.84 22.89
N ASN A 504 10.50 -6.93 23.64
CA ASN A 504 10.08 -8.25 23.18
C ASN A 504 8.63 -8.54 23.54
N GLU A 505 7.90 -9.11 22.60
CA GLU A 505 6.57 -9.63 22.91
C GLU A 505 6.70 -10.98 23.59
N PRO A 506 6.04 -11.19 24.73
CA PRO A 506 6.10 -12.50 25.38
C PRO A 506 5.33 -13.54 24.58
N HIS A 507 5.71 -14.81 24.78
CA HIS A 507 5.09 -15.96 24.14
C HIS A 507 5.20 -15.93 22.61
N SER A 508 5.75 -14.86 22.07
CA SER A 508 6.27 -14.95 20.71
C SER A 508 7.60 -15.68 20.75
N GLN A 509 7.97 -16.26 19.63
CA GLN A 509 9.30 -16.85 19.52
C GLN A 509 10.02 -16.34 18.28
N GLU A 510 9.91 -15.03 18.03
CA GLU A 510 11.04 -14.37 17.38
C GLU A 510 12.18 -14.30 18.38
N SER A 511 13.40 -14.16 17.86
CA SER A 511 14.57 -14.09 18.74
C SER A 511 14.44 -12.92 19.71
N LYS A 512 14.91 -13.13 20.93
CA LYS A 512 14.72 -12.17 22.01
C LYS A 512 15.90 -11.22 22.11
N TRP A 513 15.59 -9.93 22.22
CA TRP A 513 16.53 -8.85 22.51
C TRP A 513 16.86 -8.89 24.00
N PRO A 514 18.06 -9.34 24.38
CA PRO A 514 18.36 -9.51 25.81
C PRO A 514 18.58 -8.18 26.52
N LEU A 515 18.22 -8.17 27.81
CA LEU A 515 18.62 -7.08 28.69
C LEU A 515 20.12 -6.89 28.66
N PHE A 516 20.54 -5.63 28.60
CA PHE A 516 21.92 -5.25 28.87
C PHE A 516 22.13 -5.28 30.39
N THR A 517 23.12 -6.04 30.83
CA THR A 517 23.47 -6.14 32.25
C THR A 517 24.89 -5.67 32.47
N THR A 518 25.19 -5.28 33.71
CA THR A 518 26.53 -4.82 34.06
C THR A 518 27.58 -5.89 33.74
N LYS A 519 27.25 -7.15 33.99
CA LYS A 519 28.27 -8.19 33.83
C LYS A 519 28.41 -8.62 32.37
N GLU A 520 27.30 -8.89 31.68
CA GLU A 520 27.40 -9.46 30.34
C GLU A 520 27.32 -8.44 29.21
N GLN A 521 26.71 -7.27 29.43
CA GLN A 521 26.83 -6.12 28.52
C GLN A 521 26.39 -6.47 27.09
N LYS A 522 25.30 -7.21 26.97
CA LYS A 522 24.79 -7.64 25.68
C LYS A 522 24.06 -6.53 24.94
N PHE A 523 24.17 -6.56 23.62
CA PHE A 523 23.42 -5.67 22.74
C PHE A 523 23.11 -6.43 21.46
N ILE A 524 22.23 -5.87 20.63
CA ILE A 524 21.89 -6.49 19.36
C ILE A 524 22.26 -5.55 18.22
N ASP A 525 22.61 -6.15 17.08
CA ASP A 525 22.64 -5.43 15.82
C ASP A 525 21.21 -5.25 15.32
N LEU A 526 20.93 -4.10 14.72
CA LEU A 526 19.67 -3.87 14.04
C LEU A 526 19.98 -3.71 12.56
N ASN A 527 19.56 -4.70 11.76
CA ASN A 527 19.81 -4.66 10.33
C ASN A 527 18.85 -5.68 9.69
N THR A 528 18.99 -5.89 8.38
CA THR A 528 18.10 -6.78 7.66
C THR A 528 18.40 -8.25 7.88
N GLU A 529 19.53 -8.58 8.48
CA GLU A 529 19.89 -9.97 8.76
C GLU A 529 19.25 -10.41 10.07
N PRO A 530 19.12 -11.72 10.28
CA PRO A 530 18.58 -12.21 11.56
C PRO A 530 19.39 -11.69 12.73
N MET A 531 18.68 -11.44 13.84
CA MET A 531 19.28 -10.75 14.98
C MET A 531 20.46 -11.52 15.55
N LYS A 532 21.57 -10.82 15.78
CA LYS A 532 22.72 -11.37 16.45
C LYS A 532 22.97 -10.61 17.74
N VAL A 533 23.29 -11.36 18.80
CA VAL A 533 23.61 -10.80 20.10
C VAL A 533 25.12 -10.69 20.21
N HIS A 534 25.61 -9.53 20.65
CA HIS A 534 27.03 -9.32 20.91
C HIS A 534 27.19 -8.76 22.32
N GLN A 535 28.44 -8.61 22.74
CA GLN A 535 28.76 -8.08 24.05
C GLN A 535 29.84 -7.00 23.93
N ARG A 536 29.78 -6.02 24.83
CA ARG A 536 30.82 -5.02 25.03
C ARG A 536 31.03 -4.17 23.77
N LEU A 537 30.01 -3.36 23.48
CA LEU A 537 30.00 -2.52 22.30
C LEU A 537 31.19 -1.56 22.28
N ARG A 538 31.99 -1.66 21.22
CA ARG A 538 33.17 -0.83 21.06
C ARG A 538 33.77 -0.65 22.44
N VAL A 539 34.20 -1.75 23.05
CA VAL A 539 34.74 -1.64 24.40
C VAL A 539 36.18 -1.13 24.38
N GLN A 540 36.98 -1.57 23.39
CA GLN A 540 38.39 -1.19 23.36
C GLN A 540 38.55 0.32 23.18
N MET A 541 37.86 0.89 22.20
CA MET A 541 38.00 2.33 22.00
C MET A 541 37.37 3.11 23.14
N CYS A 542 36.30 2.59 23.75
CA CYS A 542 35.68 3.38 24.79
C CYS A 542 36.44 3.31 26.12
N VAL A 543 37.27 2.29 26.35
CA VAL A 543 38.23 2.44 27.45
C VAL A 543 39.13 3.64 27.19
N PHE A 544 39.59 3.80 25.94
CA PHE A 544 40.42 4.94 25.61
C PHE A 544 39.68 6.26 25.85
N TRP A 545 38.47 6.39 25.29
CA TRP A 545 37.77 7.67 25.38
C TRP A 545 37.21 7.94 26.77
N ASN A 546 36.77 6.91 27.48
CA ASN A 546 36.08 7.13 28.75
C ASN A 546 37.00 7.06 29.96
N GLN A 547 38.14 6.38 29.86
CA GLN A 547 39.02 6.24 31.01
C GLN A 547 40.40 6.82 30.76
N PHE A 548 41.10 6.41 29.70
CA PHE A 548 42.51 6.79 29.58
C PHE A 548 42.68 8.23 29.14
N LEU A 549 42.02 8.64 28.07
CA LEU A 549 42.23 10.02 27.60
C LEU A 549 41.80 11.05 28.64
N PRO A 550 40.64 10.92 29.30
CA PRO A 550 40.30 11.90 30.34
C PRO A 550 41.35 11.97 31.44
N LYS A 551 41.89 10.82 31.85
CA LYS A 551 42.97 10.80 32.82
C LYS A 551 44.21 11.51 32.28
N LEU A 552 44.55 11.26 31.01
CA LEU A 552 45.71 11.93 30.42
C LEU A 552 45.51 13.44 30.39
N LEU A 553 44.34 13.88 29.94
CA LEU A 553 44.08 15.32 29.86
C LEU A 553 44.07 15.96 31.25
N ASN A 554 43.49 15.26 32.23
CA ASN A 554 43.45 15.80 33.59
C ASN A 554 44.85 15.92 34.16
N ALA A 555 45.71 14.91 33.91
CA ALA A 555 47.05 14.90 34.46
C ALA A 555 48.02 15.80 33.70
N THR A 556 47.72 16.15 32.45
CA THR A 556 48.58 17.05 31.70
C THR A 556 47.81 18.32 31.31
N SER B 25 -52.72 -13.64 -23.16
CA SER B 25 -52.99 -14.66 -22.14
C SER B 25 -51.71 -15.40 -21.78
N GLU B 26 -51.30 -16.33 -22.63
CA GLU B 26 -49.99 -16.96 -22.47
C GLU B 26 -48.88 -15.92 -22.59
N LEU B 27 -49.09 -14.90 -23.41
CA LEU B 27 -48.10 -13.90 -23.70
C LEU B 27 -48.28 -12.63 -22.87
N LEU B 28 -49.28 -12.58 -22.00
CA LEU B 28 -49.57 -11.40 -21.20
C LEU B 28 -49.29 -11.77 -19.74
N VAL B 29 -48.28 -11.15 -19.14
CA VAL B 29 -47.81 -11.51 -17.81
C VAL B 29 -47.74 -10.26 -16.95
N ASN B 30 -48.36 -10.31 -15.77
CA ASN B 30 -48.29 -9.18 -14.84
CA ASN B 30 -48.31 -9.18 -14.82
C ASN B 30 -47.14 -9.41 -13.87
N THR B 31 -46.12 -8.57 -13.93
CA THR B 31 -45.00 -8.67 -13.02
C THR B 31 -45.16 -7.65 -11.89
N LYS B 32 -44.24 -7.73 -10.93
CA LYS B 32 -44.26 -6.79 -9.81
C LYS B 32 -43.95 -5.36 -10.23
N SER B 33 -43.40 -5.16 -11.42
CA SER B 33 -43.11 -3.83 -11.94
C SER B 33 -44.11 -3.38 -12.99
N GLY B 34 -45.06 -4.23 -13.39
CA GLY B 34 -46.01 -3.88 -14.43
C GLY B 34 -46.25 -5.00 -15.41
N LYS B 35 -47.19 -4.78 -16.33
CA LYS B 35 -47.56 -5.80 -17.31
C LYS B 35 -46.59 -5.80 -18.49
N VAL B 36 -46.33 -7.01 -19.00
CA VAL B 36 -45.49 -7.25 -20.17
CA VAL B 36 -45.52 -7.19 -20.20
C VAL B 36 -46.27 -8.09 -21.17
N MET B 37 -46.07 -7.82 -22.45
CA MET B 37 -46.66 -8.59 -23.54
C MET B 37 -45.54 -9.15 -24.39
N GLY B 38 -45.38 -10.47 -24.38
CA GLY B 38 -44.39 -11.13 -25.20
C GLY B 38 -44.88 -11.42 -26.60
N THR B 39 -44.13 -12.27 -27.29
CA THR B 39 -44.40 -12.63 -28.68
C THR B 39 -44.17 -14.13 -28.86
N ARG B 40 -44.90 -14.72 -29.81
CA ARG B 40 -44.80 -16.13 -30.10
CA ARG B 40 -44.81 -16.14 -30.11
C ARG B 40 -43.77 -16.33 -31.21
N VAL B 41 -42.75 -17.14 -30.95
CA VAL B 41 -41.64 -17.26 -31.88
C VAL B 41 -41.54 -18.68 -32.42
N PRO B 42 -41.23 -18.86 -33.70
CA PRO B 42 -41.01 -20.21 -34.22
C PRO B 42 -39.69 -20.74 -33.67
N VAL B 43 -39.69 -22.03 -33.35
CA VAL B 43 -38.45 -22.72 -32.97
C VAL B 43 -38.50 -24.12 -33.54
N LEU B 44 -37.58 -24.41 -34.45
CA LEU B 44 -37.56 -25.67 -35.19
C LEU B 44 -38.93 -25.87 -35.83
N SER B 45 -39.66 -26.92 -35.48
CA SER B 45 -40.97 -27.15 -36.07
C SER B 45 -42.11 -26.80 -35.11
N SER B 46 -41.85 -25.98 -34.11
CA SER B 46 -42.82 -25.68 -33.07
C SER B 46 -42.74 -24.19 -32.76
N HIS B 47 -43.21 -23.81 -31.56
CA HIS B 47 -43.23 -22.42 -31.14
C HIS B 47 -43.03 -22.36 -29.63
N ILE B 48 -42.50 -21.22 -29.17
CA ILE B 48 -42.42 -20.91 -27.74
C ILE B 48 -42.65 -19.41 -27.58
N SER B 49 -42.76 -18.98 -26.32
CA SER B 49 -43.03 -17.58 -26.00
C SER B 49 -41.74 -16.86 -25.65
N ALA B 50 -41.61 -15.63 -26.15
CA ALA B 50 -40.44 -14.81 -25.88
C ALA B 50 -40.88 -13.48 -25.31
N PHE B 51 -40.19 -13.04 -24.26
CA PHE B 51 -40.42 -11.71 -23.69
C PHE B 51 -39.09 -10.98 -23.80
N LEU B 52 -39.00 -10.05 -24.74
CA LEU B 52 -37.73 -9.43 -25.08
C LEU B 52 -37.69 -8.00 -24.59
N GLY B 53 -36.53 -7.61 -24.04
CA GLY B 53 -36.30 -6.23 -23.65
C GLY B 53 -37.13 -5.75 -22.48
N ILE B 54 -37.28 -6.57 -21.45
CA ILE B 54 -37.97 -6.16 -20.21
C ILE B 54 -37.00 -5.35 -19.36
N PRO B 55 -37.39 -4.14 -18.93
CA PRO B 55 -36.46 -3.31 -18.15
C PRO B 55 -36.39 -3.79 -16.72
N PHE B 56 -35.18 -3.80 -16.18
CA PHE B 56 -35.02 -4.25 -14.81
C PHE B 56 -34.29 -3.24 -13.93
N ALA B 57 -33.87 -2.10 -14.48
CA ALA B 57 -33.65 -0.90 -13.68
C ALA B 57 -33.90 0.39 -14.43
N GLU B 58 -33.73 1.48 -13.68
CA GLU B 58 -33.75 2.81 -14.26
C GLU B 58 -32.57 2.96 -15.23
N PRO B 59 -32.80 3.59 -16.38
CA PRO B 59 -31.70 3.91 -17.29
C PRO B 59 -30.58 4.62 -16.54
N PRO B 60 -29.42 4.11 -16.59
CA PRO B 60 -28.27 4.73 -15.86
C PRO B 60 -27.65 5.84 -16.69
N VAL B 61 -28.41 6.91 -16.88
CA VAL B 61 -28.03 7.98 -17.80
C VAL B 61 -27.83 9.28 -17.04
N GLY B 62 -27.09 10.20 -17.65
CA GLY B 62 -26.90 11.50 -17.05
C GLY B 62 -26.14 11.43 -15.73
N ASN B 63 -26.76 11.97 -14.67
CA ASN B 63 -26.10 11.98 -13.37
C ASN B 63 -26.02 10.61 -12.74
N MET B 64 -26.64 9.59 -13.33
CA MET B 64 -26.55 8.22 -12.84
C MET B 64 -25.50 7.39 -13.56
N ARG B 65 -24.78 7.97 -14.51
CA ARG B 65 -23.64 7.28 -15.11
C ARG B 65 -22.58 7.01 -14.05
N PHE B 66 -22.05 5.79 -14.01
CA PHE B 66 -21.07 5.25 -13.07
C PHE B 66 -21.70 4.92 -11.73
N ARG B 67 -22.95 5.28 -11.52
CA ARG B 67 -23.61 5.12 -10.23
CA ARG B 67 -23.56 5.10 -10.22
C ARG B 67 -24.11 3.69 -10.06
N ARG B 68 -24.26 3.30 -8.79
CA ARG B 68 -25.02 2.10 -8.55
C ARG B 68 -26.38 2.25 -9.21
N PRO B 69 -26.85 1.22 -9.80
CA PRO B 69 -28.18 1.18 -10.40
C PRO B 69 -29.30 1.22 -9.40
N GLU B 70 -30.45 1.58 -9.93
CA GLU B 70 -31.69 1.64 -9.18
C GLU B 70 -32.77 0.84 -9.84
N PRO B 71 -33.63 0.20 -8.96
CA PRO B 71 -34.67 -0.61 -9.58
C PRO B 71 -35.53 0.17 -10.54
N LYS B 72 -36.05 -0.49 -11.55
CA LYS B 72 -36.90 0.15 -12.50
C LYS B 72 -38.22 0.53 -11.85
N LYS B 73 -38.62 1.78 -11.98
CA LYS B 73 -39.87 2.23 -11.40
C LYS B 73 -41.03 1.57 -12.12
N PRO B 74 -42.04 1.08 -11.39
CA PRO B 74 -43.17 0.42 -12.04
C PRO B 74 -43.84 1.31 -13.08
N TRP B 75 -44.34 0.68 -14.13
CA TRP B 75 -44.97 1.39 -15.24
C TRP B 75 -46.44 1.00 -15.32
N SER B 76 -47.25 1.91 -15.86
CA SER B 76 -48.64 1.57 -16.15
C SER B 76 -48.74 1.12 -17.60
N GLY B 77 -49.87 0.52 -17.94
CA GLY B 77 -50.05 -0.01 -19.27
C GLY B 77 -49.26 -1.31 -19.45
N VAL B 78 -49.08 -1.68 -20.72
CA VAL B 78 -48.45 -2.94 -21.10
C VAL B 78 -47.12 -2.66 -21.79
N TRP B 79 -46.03 -3.18 -21.22
CA TRP B 79 -44.73 -3.09 -21.87
C TRP B 79 -44.69 -4.01 -23.07
N ASN B 80 -44.41 -3.47 -24.25
CA ASN B 80 -44.28 -4.27 -25.46
C ASN B 80 -42.93 -4.97 -25.41
N ALA B 81 -42.95 -6.27 -25.15
CA ALA B 81 -41.73 -7.07 -25.03
C ALA B 81 -41.57 -8.00 -26.22
N SER B 82 -41.82 -7.49 -27.41
CA SER B 82 -41.73 -8.29 -28.61
C SER B 82 -40.41 -8.10 -29.35
N THR B 83 -39.58 -7.15 -28.93
CA THR B 83 -38.36 -6.80 -29.67
C THR B 83 -37.16 -6.74 -28.75
N TYR B 84 -35.99 -7.12 -29.29
CA TYR B 84 -34.76 -7.02 -28.50
C TYR B 84 -34.49 -5.58 -28.09
N PRO B 85 -33.86 -5.37 -26.94
CA PRO B 85 -33.52 -4.01 -26.49
C PRO B 85 -32.25 -3.48 -27.17
N ASN B 86 -31.91 -2.23 -26.84
CA ASN B 86 -30.60 -1.67 -27.15
C ASN B 86 -29.49 -2.46 -26.49
N ASN B 87 -28.29 -2.36 -27.04
CA ASN B 87 -27.08 -2.89 -26.42
C ASN B 87 -26.37 -1.78 -25.66
N CYS B 88 -25.59 -2.16 -24.65
CA CYS B 88 -24.85 -1.16 -23.88
C CYS B 88 -23.73 -0.54 -24.73
N GLN B 89 -23.36 0.70 -24.38
CA GLN B 89 -22.28 1.38 -25.10
C GLN B 89 -20.96 0.63 -24.96
N GLN B 90 -20.29 0.36 -26.08
CA GLN B 90 -19.05 -0.40 -26.00
C GLN B 90 -18.19 -0.20 -27.24
N TYR B 91 -16.90 -0.52 -27.08
CA TYR B 91 -15.99 -0.62 -28.21
C TYR B 91 -16.53 -1.61 -29.23
N VAL B 92 -16.45 -1.24 -30.51
CA VAL B 92 -16.95 -2.06 -31.61
C VAL B 92 -15.75 -2.49 -32.47
N ASP B 93 -15.62 -3.79 -32.67
CA ASP B 93 -14.50 -4.34 -33.43
C ASP B 93 -14.65 -4.04 -34.92
N GLU B 94 -13.63 -3.42 -35.51
CA GLU B 94 -13.61 -3.15 -36.94
CA GLU B 94 -13.63 -3.20 -36.95
C GLU B 94 -12.38 -3.75 -37.61
N GLN B 95 -11.72 -4.72 -36.98
CA GLN B 95 -10.51 -5.28 -37.57
C GLN B 95 -10.80 -5.94 -38.91
N PHE B 96 -11.89 -6.72 -38.99
CA PHE B 96 -12.26 -7.45 -40.21
C PHE B 96 -13.67 -7.03 -40.62
N PRO B 97 -13.81 -5.85 -41.23
CA PRO B 97 -15.16 -5.34 -41.52
C PRO B 97 -15.94 -6.31 -42.38
N GLY B 98 -17.15 -6.62 -41.94
CA GLY B 98 -18.04 -7.51 -42.68
C GLY B 98 -17.78 -8.99 -42.51
N PHE B 99 -16.69 -9.37 -41.83
CA PHE B 99 -16.38 -10.78 -41.62
C PHE B 99 -17.28 -11.37 -40.55
N SER B 100 -17.99 -12.46 -40.89
CA SER B 100 -18.99 -13.00 -39.99
C SER B 100 -18.39 -13.50 -38.68
N GLY B 101 -17.16 -14.01 -38.74
CA GLY B 101 -16.55 -14.58 -37.54
C GLY B 101 -16.31 -13.57 -36.44
N SER B 102 -16.02 -12.32 -36.81
CA SER B 102 -15.88 -11.26 -35.81
C SER B 102 -17.16 -10.46 -35.62
N GLU B 103 -17.90 -10.16 -36.69
CA GLU B 103 -19.12 -9.37 -36.53
C GLU B 103 -20.18 -10.07 -35.71
N MET B 104 -20.17 -11.41 -35.64
CA MET B 104 -21.14 -12.13 -34.82
C MET B 104 -21.06 -11.77 -33.34
N TRP B 105 -19.98 -11.10 -32.92
CA TRP B 105 -19.80 -10.67 -31.53
C TRP B 105 -20.12 -9.21 -31.29
N ASN B 106 -20.22 -8.40 -32.35
CA ASN B 106 -20.48 -6.98 -32.22
C ASN B 106 -21.95 -6.72 -31.90
N PRO B 107 -22.25 -5.56 -31.32
CA PRO B 107 -23.66 -5.19 -31.10
C PRO B 107 -24.44 -5.30 -32.39
N ASN B 108 -25.60 -5.96 -32.33
CA ASN B 108 -26.50 -6.05 -33.47
C ASN B 108 -27.74 -5.19 -33.28
N ARG B 109 -27.76 -4.39 -32.22
CA ARG B 109 -28.82 -3.42 -31.99
CA ARG B 109 -28.82 -3.43 -31.96
C ARG B 109 -28.18 -2.05 -31.77
N GLU B 110 -29.02 -1.03 -31.69
CA GLU B 110 -28.48 0.30 -31.40
C GLU B 110 -27.85 0.30 -30.01
N MET B 111 -26.69 0.96 -29.89
CA MET B 111 -26.06 1.12 -28.59
C MET B 111 -26.66 2.32 -27.86
N SER B 112 -26.81 2.19 -26.54
CA SER B 112 -27.34 3.27 -25.72
C SER B 112 -26.97 3.00 -24.27
N GLU B 113 -26.77 4.08 -23.50
CA GLU B 113 -26.61 3.89 -22.07
C GLU B 113 -27.90 3.39 -21.44
N ASP B 114 -29.02 3.54 -22.13
CA ASP B 114 -30.30 2.97 -21.73
C ASP B 114 -30.33 1.53 -22.26
N CYS B 115 -29.71 0.63 -21.49
CA CYS B 115 -29.47 -0.73 -21.98
C CYS B 115 -29.72 -1.81 -20.95
N LEU B 116 -30.33 -1.49 -19.81
CA LEU B 116 -30.45 -2.45 -18.72
C LEU B 116 -31.80 -3.17 -18.83
N TYR B 117 -31.79 -4.23 -19.66
CA TYR B 117 -32.98 -5.02 -19.99
C TYR B 117 -32.63 -6.51 -19.95
N LEU B 118 -33.66 -7.35 -19.81
CA LEU B 118 -33.44 -8.78 -19.88
C LEU B 118 -34.46 -9.42 -20.83
N ASN B 119 -34.12 -10.61 -21.31
CA ASN B 119 -34.96 -11.36 -22.22
C ASN B 119 -35.33 -12.70 -21.60
N ILE B 120 -36.53 -13.19 -21.91
CA ILE B 120 -36.98 -14.47 -21.35
C ILE B 120 -37.61 -15.32 -22.45
N TRP B 121 -37.18 -16.58 -22.54
CA TRP B 121 -37.81 -17.58 -23.40
C TRP B 121 -38.52 -18.60 -22.51
N VAL B 122 -39.81 -18.82 -22.77
CA VAL B 122 -40.67 -19.66 -21.94
C VAL B 122 -41.27 -20.76 -22.79
N PRO B 123 -41.15 -22.04 -22.42
CA PRO B 123 -41.79 -23.10 -23.21
C PRO B 123 -43.29 -22.85 -23.36
N SER B 124 -43.84 -23.33 -24.48
CA SER B 124 -45.28 -23.26 -24.73
C SER B 124 -45.84 -24.66 -24.87
N PRO B 125 -46.83 -25.03 -24.04
CA PRO B 125 -47.52 -24.19 -23.04
C PRO B 125 -46.68 -23.86 -21.82
N ARG B 126 -47.03 -22.79 -21.11
CA ARG B 126 -46.23 -22.35 -19.97
C ARG B 126 -46.14 -23.44 -18.91
N PRO B 127 -44.95 -23.78 -18.44
CA PRO B 127 -44.84 -24.75 -17.34
C PRO B 127 -45.24 -24.11 -16.02
N LYS B 128 -45.35 -24.95 -14.98
CA LYS B 128 -45.83 -24.46 -13.70
C LYS B 128 -44.73 -23.82 -12.88
N SER B 129 -43.64 -24.57 -12.62
CA SER B 129 -42.47 -24.01 -11.95
C SER B 129 -41.27 -24.85 -12.39
N THR B 130 -40.70 -24.49 -13.53
CA THR B 130 -39.60 -25.25 -14.10
C THR B 130 -38.26 -24.57 -13.82
N THR B 131 -37.20 -25.29 -14.14
CA THR B 131 -35.84 -24.82 -13.92
C THR B 131 -35.55 -23.56 -14.74
N VAL B 132 -34.81 -22.63 -14.14
CA VAL B 132 -34.45 -21.36 -14.75
C VAL B 132 -32.94 -21.35 -14.99
N MET B 133 -32.53 -20.90 -16.18
CA MET B 133 -31.12 -20.66 -16.50
C MET B 133 -30.96 -19.21 -16.92
N VAL B 134 -30.05 -18.51 -16.27
CA VAL B 134 -29.80 -17.09 -16.54
C VAL B 134 -28.41 -16.97 -17.15
N TRP B 135 -28.37 -16.50 -18.40
CA TRP B 135 -27.13 -16.32 -19.15
C TRP B 135 -26.54 -14.94 -18.89
N ILE B 136 -25.25 -14.92 -18.57
CA ILE B 136 -24.48 -13.69 -18.39
C ILE B 136 -23.42 -13.65 -19.49
N TYR B 137 -23.57 -12.74 -20.43
CA TYR B 137 -22.64 -12.68 -21.54
C TYR B 137 -21.25 -12.27 -21.07
N GLY B 138 -20.24 -12.71 -21.81
CA GLY B 138 -18.88 -12.28 -21.61
C GLY B 138 -18.47 -11.22 -22.61
N GLY B 139 -17.17 -11.02 -22.73
CA GLY B 139 -16.64 -9.91 -23.49
C GLY B 139 -15.62 -9.10 -22.72
N GLY B 140 -14.92 -9.74 -21.79
CA GLY B 140 -13.81 -9.06 -21.12
C GLY B 140 -14.20 -7.91 -20.22
N PHE B 141 -15.49 -7.80 -19.88
CA PHE B 141 -16.09 -6.69 -19.16
C PHE B 141 -16.05 -5.39 -19.97
N TYR B 142 -15.57 -5.42 -21.21
CA TYR B 142 -15.56 -4.26 -22.07
C TYR B 142 -16.57 -4.32 -23.21
N SER B 143 -17.18 -5.46 -23.46
CA SER B 143 -18.09 -5.64 -24.58
C SER B 143 -19.09 -6.73 -24.22
N GLY B 144 -20.05 -6.94 -25.12
CA GLY B 144 -21.04 -8.01 -24.95
C GLY B 144 -22.45 -7.49 -25.12
N SER B 145 -23.33 -8.36 -25.57
CA SER B 145 -24.73 -8.03 -25.79
C SER B 145 -25.57 -9.25 -25.51
N SER B 146 -26.77 -9.03 -24.95
CA SER B 146 -27.66 -10.17 -24.74
C SER B 146 -28.33 -10.64 -26.04
N THR B 147 -28.26 -9.84 -27.10
CA THR B 147 -29.08 -10.02 -28.30
C THR B 147 -28.34 -10.72 -29.44
N LEU B 148 -27.12 -11.19 -29.22
CA LEU B 148 -26.38 -11.83 -30.30
C LEU B 148 -27.13 -13.08 -30.78
N ASP B 149 -27.00 -13.36 -32.08
CA ASP B 149 -27.62 -14.56 -32.65
C ASP B 149 -27.16 -15.83 -31.92
N VAL B 150 -25.91 -15.86 -31.47
CA VAL B 150 -25.39 -17.05 -30.80
C VAL B 150 -25.93 -17.20 -29.38
N TYR B 151 -26.61 -16.18 -28.84
CA TYR B 151 -27.22 -16.28 -27.51
C TYR B 151 -28.74 -16.42 -27.59
N ASN B 152 -29.30 -16.65 -28.78
CA ASN B 152 -30.74 -16.86 -28.94
C ASN B 152 -31.19 -18.02 -28.07
N GLY B 153 -31.98 -17.74 -27.03
CA GLY B 153 -32.35 -18.76 -26.08
C GLY B 153 -33.39 -19.76 -26.51
N LYS B 154 -33.97 -19.62 -27.71
CA LYS B 154 -35.16 -20.40 -28.01
C LYS B 154 -34.86 -21.89 -28.17
N TYR B 155 -33.67 -22.24 -28.67
CA TYR B 155 -33.37 -23.66 -28.88
C TYR B 155 -33.20 -24.40 -27.57
N LEU B 156 -32.48 -23.80 -26.62
CA LEU B 156 -32.30 -24.44 -25.32
C LEU B 156 -33.61 -24.49 -24.54
N ALA B 157 -34.37 -23.38 -24.54
CA ALA B 157 -35.64 -23.37 -23.81
C ALA B 157 -36.59 -24.43 -24.35
N TYR B 158 -36.72 -24.50 -25.67
CA TYR B 158 -37.64 -25.46 -26.28
C TYR B 158 -37.18 -26.89 -26.07
N THR B 159 -35.89 -27.16 -26.35
CA THR B 159 -35.40 -28.54 -26.35
C THR B 159 -35.36 -29.12 -24.94
N GLU B 160 -34.94 -28.32 -23.95
CA GLU B 160 -34.78 -28.84 -22.60
C GLU B 160 -35.89 -28.40 -21.65
N GLU B 161 -36.89 -27.66 -22.14
CA GLU B 161 -38.03 -27.28 -21.32
C GLU B 161 -37.59 -26.48 -20.10
N VAL B 162 -36.74 -25.47 -20.34
CA VAL B 162 -36.31 -24.57 -19.28
C VAL B 162 -36.79 -23.17 -19.62
N VAL B 163 -36.94 -22.36 -18.58
CA VAL B 163 -37.12 -20.92 -18.77
C VAL B 163 -35.73 -20.30 -18.85
N LEU B 164 -35.41 -19.70 -19.99
CA LEU B 164 -34.09 -19.17 -20.28
C LEU B 164 -34.12 -17.65 -20.26
N VAL B 165 -33.35 -17.05 -19.36
CA VAL B 165 -33.22 -15.61 -19.23
C VAL B 165 -31.84 -15.21 -19.72
N SER B 166 -31.74 -14.11 -20.45
CA SER B 166 -30.43 -13.47 -20.65
C SER B 166 -30.51 -12.05 -20.12
N LEU B 167 -29.55 -11.69 -19.28
CA LEU B 167 -29.56 -10.37 -18.67
C LEU B 167 -28.58 -9.48 -19.43
N SER B 168 -28.45 -8.24 -18.98
CA SER B 168 -27.44 -7.34 -19.53
C SER B 168 -26.81 -6.58 -18.37
N TYR B 169 -25.70 -5.92 -18.66
CA TYR B 169 -25.01 -5.17 -17.63
C TYR B 169 -24.05 -4.21 -18.32
N ARG B 170 -23.83 -3.05 -17.68
CA ARG B 170 -22.91 -2.05 -18.22
C ARG B 170 -21.48 -2.60 -18.28
N VAL B 171 -20.81 -2.30 -19.40
CA VAL B 171 -19.45 -2.73 -19.66
C VAL B 171 -18.55 -1.50 -19.77
N GLY B 172 -17.25 -1.76 -19.84
CA GLY B 172 -16.30 -0.65 -19.98
C GLY B 172 -16.35 0.31 -18.80
N ALA B 173 -15.97 1.57 -19.07
CA ALA B 173 -15.98 2.57 -18.01
C ALA B 173 -17.37 2.74 -17.39
N PHE B 174 -18.41 2.56 -18.21
CA PHE B 174 -19.77 2.78 -17.72
C PHE B 174 -20.13 1.79 -16.63
N GLY B 175 -19.58 0.58 -16.69
CA GLY B 175 -19.88 -0.41 -15.69
C GLY B 175 -18.82 -0.59 -14.64
N PHE B 176 -17.59 -0.13 -14.90
CA PHE B 176 -16.54 -0.51 -13.97
C PHE B 176 -15.54 0.60 -13.66
N LEU B 177 -15.80 1.84 -14.07
CA LEU B 177 -15.00 2.95 -13.56
C LEU B 177 -15.03 2.91 -12.03
N ALA B 178 -13.86 2.95 -11.40
CA ALA B 178 -13.77 2.72 -9.96
C ALA B 178 -12.92 3.78 -9.28
N LEU B 179 -13.55 4.61 -8.47
CA LEU B 179 -12.88 5.61 -7.63
C LEU B 179 -13.28 5.30 -6.20
N HIS B 180 -12.56 4.36 -5.57
CA HIS B 180 -12.97 3.85 -4.27
C HIS B 180 -13.02 4.96 -3.23
N GLY B 181 -14.11 4.97 -2.44
CA GLY B 181 -14.41 6.05 -1.53
C GLY B 181 -15.50 6.95 -2.05
N SER B 182 -15.66 7.03 -3.36
CA SER B 182 -16.78 7.75 -3.96
C SER B 182 -18.02 6.87 -3.98
N GLN B 183 -19.16 7.46 -3.64
CA GLN B 183 -20.44 6.81 -3.85
C GLN B 183 -21.02 7.14 -5.22
N GLU B 184 -20.36 8.00 -5.99
CA GLU B 184 -20.81 8.35 -7.33
C GLU B 184 -20.19 7.44 -8.40
N ALA B 185 -18.97 6.96 -8.19
CA ALA B 185 -18.34 5.98 -9.06
C ALA B 185 -17.60 4.98 -8.19
N PRO B 186 -18.34 4.11 -7.48
CA PRO B 186 -17.69 3.23 -6.51
C PRO B 186 -16.99 2.05 -7.15
N GLY B 187 -17.29 1.74 -8.41
CA GLY B 187 -16.81 0.54 -9.04
C GLY B 187 -17.82 -0.60 -8.93
N ASN B 188 -17.60 -1.63 -9.74
CA ASN B 188 -18.39 -2.87 -9.72
C ASN B 188 -19.86 -2.66 -10.07
N VAL B 189 -20.25 -1.52 -10.63
CA VAL B 189 -21.69 -1.32 -10.84
C VAL B 189 -22.22 -2.23 -11.93
N GLY B 190 -21.38 -2.70 -12.85
CA GLY B 190 -21.84 -3.70 -13.80
C GLY B 190 -22.17 -5.02 -13.12
N LEU B 191 -21.39 -5.40 -12.11
CA LEU B 191 -21.73 -6.56 -11.30
C LEU B 191 -23.02 -6.34 -10.54
N LEU B 192 -23.19 -5.14 -10.00
CA LEU B 192 -24.45 -4.80 -9.40
C LEU B 192 -25.56 -4.85 -10.43
N ASP B 193 -25.30 -4.47 -11.68
CA ASP B 193 -26.29 -4.66 -12.75
C ASP B 193 -26.77 -6.09 -12.85
N GLN B 194 -25.85 -7.02 -12.82
CA GLN B 194 -26.23 -8.40 -12.92
C GLN B 194 -27.07 -8.81 -11.71
N ARG B 195 -26.67 -8.37 -10.54
CA ARG B 195 -27.37 -8.68 -9.33
C ARG B 195 -28.85 -8.26 -9.37
N MET B 196 -29.14 -7.05 -9.83
CA MET B 196 -30.55 -6.56 -9.89
C MET B 196 -31.50 -7.37 -10.79
N ALA B 197 -30.93 -7.87 -11.85
CA ALA B 197 -31.46 -8.78 -12.87
C ALA B 197 -31.74 -10.12 -12.21
N LEU B 198 -30.75 -10.63 -11.45
CA LEU B 198 -30.99 -11.82 -10.65
C LEU B 198 -32.06 -11.58 -9.59
N GLN B 199 -32.05 -10.39 -8.96
CA GLN B 199 -33.13 -10.11 -8.01
C GLN B 199 -34.48 -9.98 -8.71
N TRP B 200 -34.51 -9.39 -9.91
CA TRP B 200 -35.76 -9.34 -10.67
C TRP B 200 -36.26 -10.74 -10.99
N VAL B 201 -35.36 -11.64 -11.41
CA VAL B 201 -35.71 -13.04 -11.64
C VAL B 201 -36.26 -13.66 -10.36
N HIS B 202 -35.55 -13.44 -9.24
CA HIS B 202 -36.00 -13.97 -7.94
C HIS B 202 -37.42 -13.55 -7.64
N ASP B 203 -37.76 -12.30 -7.95
CA ASP B 203 -39.06 -11.72 -7.63
C ASP B 203 -40.16 -12.03 -8.64
N ASN B 204 -39.80 -12.26 -9.91
CA ASN B 204 -40.81 -12.28 -10.96
C ASN B 204 -40.84 -13.52 -11.83
N ILE B 205 -39.80 -14.36 -11.83
CA ILE B 205 -39.79 -15.46 -12.79
C ILE B 205 -40.93 -16.45 -12.53
N GLN B 206 -41.46 -16.51 -11.30
CA GLN B 206 -42.60 -17.38 -11.04
C GLN B 206 -43.80 -17.01 -11.92
N PHE B 207 -43.91 -15.75 -12.32
CA PHE B 207 -45.05 -15.37 -13.15
C PHE B 207 -44.90 -15.83 -14.59
N PHE B 208 -43.70 -16.31 -14.96
CA PHE B 208 -43.42 -16.85 -16.28
C PHE B 208 -43.32 -18.37 -16.26
N GLY B 209 -43.66 -19.01 -15.15
CA GLY B 209 -43.57 -20.46 -15.05
C GLY B 209 -42.23 -20.97 -14.58
N GLY B 210 -41.35 -20.10 -14.10
CA GLY B 210 -40.05 -20.51 -13.62
C GLY B 210 -40.03 -20.64 -12.10
N ASP B 211 -39.15 -21.51 -11.61
CA ASP B 211 -39.00 -21.73 -10.18
C ASP B 211 -37.86 -20.87 -9.67
N PRO B 212 -38.13 -19.84 -8.84
CA PRO B 212 -37.02 -19.01 -8.34
C PRO B 212 -36.10 -19.74 -7.36
N LYS B 213 -36.47 -20.90 -6.87
CA LYS B 213 -35.56 -21.68 -6.04
C LYS B 213 -34.63 -22.56 -6.86
N THR B 214 -34.79 -22.61 -8.19
CA THR B 214 -33.95 -23.49 -9.01
C THR B 214 -33.38 -22.67 -10.19
N VAL B 215 -32.63 -21.63 -9.86
CA VAL B 215 -32.02 -20.75 -10.84
C VAL B 215 -30.54 -21.11 -10.98
N THR B 216 -30.11 -21.43 -12.20
CA THR B 216 -28.70 -21.62 -12.52
C THR B 216 -28.22 -20.40 -13.27
N ILE B 217 -27.17 -19.78 -12.79
CA ILE B 217 -26.53 -18.72 -13.57
C ILE B 217 -25.39 -19.34 -14.37
N PHE B 218 -25.25 -18.93 -15.63
CA PHE B 218 -24.16 -19.44 -16.45
C PHE B 218 -23.65 -18.36 -17.38
N GLY B 219 -22.37 -18.44 -17.71
CA GLY B 219 -21.78 -17.41 -18.55
C GLY B 219 -20.42 -17.85 -19.03
N GLU B 220 -19.93 -17.17 -20.05
CA GLU B 220 -18.65 -17.49 -20.68
C GLU B 220 -17.74 -16.27 -20.60
N SER B 221 -16.44 -16.51 -20.51
CA SER B 221 -15.44 -15.41 -20.50
C SER B 221 -15.76 -14.55 -19.28
N ALA B 222 -15.91 -13.22 -19.43
CA ALA B 222 -16.23 -12.38 -18.27
C ALA B 222 -17.55 -12.79 -17.63
N GLY B 223 -18.46 -13.38 -18.40
CA GLY B 223 -19.68 -13.92 -17.80
C GLY B 223 -19.40 -15.08 -16.86
N GLY B 224 -18.41 -15.90 -17.21
CA GLY B 224 -17.99 -16.96 -16.30
C GLY B 224 -17.27 -16.44 -15.07
N ALA B 225 -16.36 -15.49 -15.27
CA ALA B 225 -15.79 -14.80 -14.12
C ALA B 225 -16.90 -14.20 -13.25
N SER B 226 -17.88 -13.56 -13.89
CA SER B 226 -19.00 -12.96 -13.14
C SER B 226 -19.73 -14.00 -12.31
N VAL B 227 -20.07 -15.14 -12.92
CA VAL B 227 -20.76 -16.20 -12.19
C VAL B 227 -19.96 -16.57 -10.93
N GLY B 228 -18.65 -16.73 -11.07
CA GLY B 228 -17.81 -17.00 -9.91
C GLY B 228 -17.80 -15.88 -8.90
N MET B 229 -17.91 -14.64 -9.37
CA MET B 229 -17.92 -13.50 -8.46
C MET B 229 -19.20 -13.45 -7.64
N HIS B 230 -20.32 -13.90 -8.22
CA HIS B 230 -21.57 -13.98 -7.45
C HIS B 230 -21.54 -15.14 -6.47
N ILE B 231 -20.85 -16.23 -6.80
CA ILE B 231 -20.60 -17.28 -5.82
C ILE B 231 -19.87 -16.72 -4.62
N LEU B 232 -18.90 -15.83 -4.87
CA LEU B 232 -18.08 -15.27 -3.81
C LEU B 232 -18.83 -14.21 -3.01
N SER B 233 -19.61 -13.36 -3.66
CA SER B 233 -20.09 -12.14 -3.02
C SER B 233 -21.31 -12.42 -2.14
N PRO B 234 -21.26 -12.11 -0.84
CA PRO B 234 -22.42 -12.38 0.03
C PRO B 234 -23.72 -11.79 -0.48
N GLY B 235 -23.69 -10.57 -1.01
CA GLY B 235 -24.89 -9.93 -1.52
C GLY B 235 -25.52 -10.63 -2.72
N SER B 236 -24.81 -11.57 -3.36
CA SER B 236 -25.34 -12.26 -4.51
C SER B 236 -25.76 -13.70 -4.25
N ARG B 237 -25.25 -14.32 -3.18
CA ARG B 237 -25.30 -15.77 -3.06
C ARG B 237 -26.70 -16.32 -2.99
N ASP B 238 -27.64 -15.59 -2.39
CA ASP B 238 -28.97 -16.13 -2.18
C ASP B 238 -29.88 -15.92 -3.39
N LEU B 239 -29.36 -15.41 -4.50
CA LEU B 239 -30.16 -15.11 -5.68
C LEU B 239 -30.03 -16.16 -6.78
N PHE B 240 -29.45 -17.31 -6.49
CA PHE B 240 -29.38 -18.39 -7.47
C PHE B 240 -29.07 -19.67 -6.71
N ARG B 241 -29.31 -20.79 -7.39
CA ARG B 241 -29.15 -22.13 -6.79
C ARG B 241 -27.78 -22.73 -7.08
N ARG B 242 -27.35 -22.69 -8.35
CA ARG B 242 -26.10 -23.31 -8.76
C ARG B 242 -25.57 -22.59 -9.99
N ALA B 243 -24.40 -23.03 -10.47
CA ALA B 243 -23.64 -22.17 -11.37
C ALA B 243 -22.84 -22.97 -12.39
N ILE B 244 -22.73 -22.40 -13.59
CA ILE B 244 -21.91 -22.93 -14.68
C ILE B 244 -20.94 -21.83 -15.12
N LEU B 245 -19.66 -22.18 -15.26
CA LEU B 245 -18.63 -21.22 -15.66
C LEU B 245 -17.92 -21.74 -16.91
N GLN B 246 -17.96 -20.96 -17.99
CA GLN B 246 -17.34 -21.38 -19.25
C GLN B 246 -16.16 -20.47 -19.59
N SER B 247 -14.96 -21.05 -19.63
CA SER B 247 -13.77 -20.30 -20.05
C SER B 247 -13.62 -18.99 -19.28
N GLY B 248 -13.83 -19.04 -17.98
CA GLY B 248 -13.67 -17.86 -17.16
C GLY B 248 -13.82 -18.20 -15.70
N SER B 249 -13.13 -17.50 -14.83
CA SER B 249 -13.21 -17.76 -13.40
C SER B 249 -12.88 -16.47 -12.68
N PRO B 250 -13.33 -16.31 -11.43
CA PRO B 250 -13.25 -14.99 -10.79
C PRO B 250 -11.82 -14.53 -10.51
N ASN B 251 -10.89 -15.46 -10.36
CA ASN B 251 -9.49 -15.18 -10.07
C ASN B 251 -8.63 -14.98 -11.31
N CYS B 252 -9.22 -14.94 -12.51
CA CYS B 252 -8.43 -14.77 -13.72
C CYS B 252 -7.63 -13.45 -13.64
N PRO B 253 -6.42 -13.41 -14.19
CA PRO B 253 -5.58 -12.21 -14.01
C PRO B 253 -6.17 -10.97 -14.67
N TRP B 254 -7.02 -11.14 -15.68
CA TRP B 254 -7.67 -10.04 -16.39
C TRP B 254 -8.99 -9.62 -15.75
N ALA B 255 -9.50 -10.35 -14.76
CA ALA B 255 -10.89 -10.19 -14.34
C ALA B 255 -11.08 -9.21 -13.18
N SER B 256 -10.01 -8.76 -12.55
CA SER B 256 -10.15 -7.77 -11.49
C SER B 256 -8.88 -6.94 -11.36
N VAL B 257 -9.02 -5.80 -10.68
CA VAL B 257 -7.90 -4.92 -10.33
C VAL B 257 -8.07 -4.48 -8.88
N SER B 258 -6.96 -4.02 -8.29
CA SER B 258 -7.00 -3.41 -6.97
C SER B 258 -7.69 -2.04 -7.03
N VAL B 259 -8.07 -1.54 -5.85
CA VAL B 259 -8.68 -0.20 -5.82
C VAL B 259 -7.67 0.85 -6.27
N ALA B 260 -6.39 0.66 -5.96
CA ALA B 260 -5.37 1.62 -6.39
C ALA B 260 -5.25 1.63 -7.92
N GLU B 261 -5.20 0.45 -8.54
CA GLU B 261 -5.07 0.40 -9.98
C GLU B 261 -6.34 0.88 -10.67
N GLY B 262 -7.51 0.53 -10.12
CA GLY B 262 -8.74 1.10 -10.64
C GLY B 262 -8.76 2.61 -10.55
N ARG B 263 -8.31 3.15 -9.41
CA ARG B 263 -8.21 4.60 -9.27
C ARG B 263 -7.25 5.19 -10.29
N ARG B 264 -6.07 4.57 -10.46
CA ARG B 264 -5.12 5.06 -11.44
C ARG B 264 -5.72 5.10 -12.84
N ARG B 265 -6.44 4.05 -13.22
CA ARG B 265 -6.99 4.01 -14.58
C ARG B 265 -8.13 5.01 -14.75
N ALA B 266 -8.90 5.27 -13.70
CA ALA B 266 -9.95 6.28 -13.81
C ALA B 266 -9.35 7.66 -13.99
N VAL B 267 -8.31 7.98 -13.21
CA VAL B 267 -7.66 9.28 -13.33
C VAL B 267 -7.03 9.43 -14.72
N GLU B 268 -6.38 8.37 -15.20
CA GLU B 268 -5.78 8.43 -16.53
C GLU B 268 -6.83 8.60 -17.63
N LEU B 269 -8.04 8.06 -17.42
CA LEU B 269 -9.12 8.31 -18.36
C LEU B 269 -9.43 9.80 -18.42
N GLY B 270 -9.50 10.45 -17.25
CA GLY B 270 -9.76 11.88 -17.24
C GLY B 270 -8.62 12.67 -17.84
N ARG B 271 -7.37 12.24 -17.59
CA ARG B 271 -6.23 12.90 -18.19
C ARG B 271 -6.27 12.81 -19.71
N ASN B 272 -6.68 11.66 -20.24
CA ASN B 272 -6.85 11.52 -21.68
C ASN B 272 -7.94 12.43 -22.24
N LEU B 273 -8.85 12.92 -21.39
CA LEU B 273 -9.97 13.73 -21.85
C LEU B 273 -9.93 15.15 -21.29
N ASN B 274 -8.76 15.63 -20.85
CA ASN B 274 -8.57 17.00 -20.39
C ASN B 274 -9.51 17.34 -19.23
N CYS B 275 -9.69 16.40 -18.32
CA CYS B 275 -10.56 16.62 -17.17
C CYS B 275 -9.82 17.28 -16.02
N ASN B 276 -10.57 18.02 -15.22
CA ASN B 276 -10.11 18.45 -13.90
C ASN B 276 -9.84 17.21 -13.05
N LEU B 277 -8.62 17.08 -12.54
CA LEU B 277 -8.23 15.89 -11.79
C LEU B 277 -8.06 16.15 -10.30
N ASN B 278 -8.54 17.29 -9.80
CA ASN B 278 -8.19 17.67 -8.44
C ASN B 278 -9.01 16.92 -7.38
N SER B 279 -10.21 16.46 -7.74
CA SER B 279 -11.06 15.71 -6.82
C SER B 279 -11.86 14.70 -7.60
N ASP B 280 -12.32 13.66 -6.89
CA ASP B 280 -13.22 12.69 -7.49
C ASP B 280 -14.45 13.37 -8.07
N GLU B 281 -15.07 14.29 -7.31
CA GLU B 281 -16.29 14.94 -7.75
C GLU B 281 -16.09 15.68 -9.07
N GLU B 282 -14.97 16.39 -9.20
CA GLU B 282 -14.73 17.13 -10.44
C GLU B 282 -14.38 16.20 -11.59
N LEU B 283 -13.56 15.18 -11.32
CA LEU B 283 -13.26 14.17 -12.33
C LEU B 283 -14.54 13.50 -12.82
N ILE B 284 -15.33 12.96 -11.90
CA ILE B 284 -16.60 12.33 -12.26
C ILE B 284 -17.49 13.28 -13.03
N HIS B 285 -17.58 14.54 -12.58
CA HIS B 285 -18.45 15.49 -13.24
C HIS B 285 -18.02 15.72 -14.69
N CYS B 286 -16.70 15.87 -14.91
CA CYS B 286 -16.17 15.98 -16.26
C CYS B 286 -16.53 14.75 -17.09
N LEU B 287 -16.27 13.56 -16.52
CA LEU B 287 -16.54 12.32 -17.26
C LEU B 287 -18.02 12.15 -17.55
N ARG B 288 -18.89 12.63 -16.65
CA ARG B 288 -20.33 12.54 -16.89
C ARG B 288 -20.80 13.49 -17.99
N GLU B 289 -20.03 14.52 -18.31
CA GLU B 289 -20.39 15.44 -19.38
C GLU B 289 -20.00 14.93 -20.76
N LYS B 290 -19.17 13.89 -20.84
CA LYS B 290 -18.70 13.39 -22.12
C LYS B 290 -19.77 12.54 -22.80
N LYS B 291 -19.79 12.60 -24.13
CA LYS B 291 -20.58 11.64 -24.90
C LYS B 291 -19.99 10.25 -24.70
N PRO B 292 -20.83 9.20 -24.75
CA PRO B 292 -20.32 7.84 -24.50
C PRO B 292 -19.10 7.48 -25.36
N GLN B 293 -19.17 7.78 -26.66
CA GLN B 293 -18.09 7.41 -27.57
C GLN B 293 -16.80 8.12 -27.24
N GLU B 294 -16.84 9.29 -26.60
CA GLU B 294 -15.61 9.96 -26.20
C GLU B 294 -14.84 9.13 -25.18
N LEU B 295 -15.57 8.52 -24.23
CA LEU B 295 -14.91 7.62 -23.28
C LEU B 295 -14.39 6.37 -23.98
N ILE B 296 -15.21 5.77 -24.84
CA ILE B 296 -14.82 4.54 -25.52
C ILE B 296 -13.57 4.74 -26.34
N ASP B 297 -13.46 5.91 -27.00
CA ASP B 297 -12.34 6.16 -27.90
C ASP B 297 -10.99 6.14 -27.21
N VAL B 298 -10.91 6.42 -25.91
CA VAL B 298 -9.64 6.43 -25.19
C VAL B 298 -9.53 5.27 -24.19
N GLU B 299 -10.51 4.37 -24.19
CA GLU B 299 -10.60 3.32 -23.18
C GLU B 299 -9.31 2.51 -23.06
N TRP B 300 -8.78 2.05 -24.20
CA TRP B 300 -7.60 1.19 -24.17
C TRP B 300 -6.34 1.94 -23.75
N ASN B 301 -6.38 3.27 -23.71
CA ASN B 301 -5.17 4.03 -23.42
C ASN B 301 -4.78 3.98 -21.95
N VAL B 302 -5.67 3.54 -21.06
CA VAL B 302 -5.36 3.56 -19.64
C VAL B 302 -4.70 2.26 -19.16
N LEU B 303 -4.54 1.27 -20.02
CA LEU B 303 -3.86 0.05 -19.60
C LEU B 303 -2.41 0.38 -19.22
N PRO B 304 -1.86 -0.30 -18.21
CA PRO B 304 -0.48 0.03 -17.79
C PRO B 304 0.57 -0.45 -18.76
N PHE B 305 0.32 -1.53 -19.51
CA PHE B 305 1.37 -2.13 -20.33
C PHE B 305 0.82 -2.44 -21.71
N ASP B 306 1.72 -2.49 -22.69
CA ASP B 306 1.39 -3.17 -23.94
C ASP B 306 1.09 -4.63 -23.61
N SER B 307 -0.09 -5.10 -24.00
CA SER B 307 -0.52 -6.41 -23.52
C SER B 307 -1.62 -6.95 -24.41
N ILE B 308 -1.82 -8.26 -24.31
CA ILE B 308 -3.02 -8.91 -24.82
C ILE B 308 -3.75 -9.55 -23.65
N PHE B 309 -5.04 -9.79 -23.84
CA PHE B 309 -5.89 -10.39 -22.80
C PHE B 309 -5.87 -9.54 -21.52
N ARG B 310 -5.83 -8.22 -21.69
CA ARG B 310 -5.96 -7.27 -20.59
C ARG B 310 -6.98 -6.20 -20.98
N PHE B 311 -7.85 -5.85 -20.03
CA PHE B 311 -8.99 -4.97 -20.28
C PHE B 311 -9.03 -3.86 -19.24
N SER B 312 -9.47 -2.67 -19.68
CA SER B 312 -9.22 -1.45 -18.91
C SER B 312 -10.08 -1.38 -17.65
N PHE B 313 -11.39 -1.58 -17.78
CA PHE B 313 -12.32 -1.33 -16.67
C PHE B 313 -13.01 -2.64 -16.31
N VAL B 314 -12.58 -3.21 -15.19
CA VAL B 314 -12.99 -4.54 -14.75
C VAL B 314 -13.37 -4.44 -13.28
N PRO B 315 -13.96 -5.49 -12.68
CA PRO B 315 -14.26 -5.46 -11.24
C PRO B 315 -13.07 -5.08 -10.38
N VAL B 316 -13.35 -4.38 -9.27
CA VAL B 316 -12.34 -3.99 -8.29
C VAL B 316 -12.57 -4.76 -7.00
N ILE B 317 -11.48 -5.15 -6.35
CA ILE B 317 -11.52 -5.79 -5.02
C ILE B 317 -11.69 -4.66 -4.01
N ASP B 318 -12.95 -4.40 -3.60
CA ASP B 318 -13.30 -3.15 -2.96
C ASP B 318 -13.53 -3.25 -1.45
N GLY B 319 -13.74 -4.45 -0.91
CA GLY B 319 -14.14 -4.58 0.48
C GLY B 319 -15.64 -4.54 0.70
N GLU B 320 -16.43 -4.42 -0.37
CA GLU B 320 -17.89 -4.42 -0.27
C GLU B 320 -18.49 -5.56 -1.08
N PHE B 321 -18.49 -5.48 -2.41
CA PHE B 321 -18.89 -6.63 -3.22
C PHE B 321 -18.01 -7.83 -2.91
N PHE B 322 -16.70 -7.61 -2.74
CA PHE B 322 -15.77 -8.64 -2.32
C PHE B 322 -15.23 -8.29 -0.95
N PRO B 323 -15.70 -8.95 0.13
CA PRO B 323 -15.26 -8.56 1.48
C PRO B 323 -13.75 -8.57 1.69
N THR B 324 -13.04 -9.56 1.18
CA THR B 324 -11.57 -9.62 1.28
C THR B 324 -11.03 -10.06 -0.07
N SER B 325 -9.73 -10.32 -0.13
CA SER B 325 -9.12 -10.79 -1.37
C SER B 325 -9.79 -12.07 -1.84
N LEU B 326 -9.81 -12.26 -3.16
CA LEU B 326 -10.38 -13.47 -3.72
C LEU B 326 -9.69 -14.72 -3.18
N GLU B 327 -8.37 -14.64 -3.01
CA GLU B 327 -7.63 -15.82 -2.56
C GLU B 327 -7.93 -16.16 -1.12
N SER B 328 -8.01 -15.15 -0.24
CA SER B 328 -8.38 -15.43 1.15
C SER B 328 -9.81 -15.95 1.23
N MET B 329 -10.72 -15.42 0.41
CA MET B 329 -12.08 -15.95 0.40
C MET B 329 -12.11 -17.40 -0.06
N LEU B 330 -11.34 -17.73 -1.10
CA LEU B 330 -11.27 -19.11 -1.58
C LEU B 330 -10.64 -20.02 -0.53
N ASN B 331 -9.58 -19.55 0.13
CA ASN B 331 -8.89 -20.38 1.12
C ASN B 331 -9.78 -20.69 2.31
N SER B 332 -10.58 -19.74 2.76
CA SER B 332 -11.36 -19.89 3.98
C SER B 332 -12.73 -20.52 3.74
N GLY B 333 -13.12 -20.74 2.49
CA GLY B 333 -14.46 -21.25 2.24
C GLY B 333 -15.53 -20.18 2.33
N ASN B 334 -15.15 -18.90 2.23
CA ASN B 334 -16.10 -17.79 2.31
C ASN B 334 -16.73 -17.61 0.93
N PHE B 335 -17.65 -18.50 0.60
CA PHE B 335 -18.37 -18.44 -0.67
C PHE B 335 -19.56 -19.37 -0.58
N LYS B 336 -20.44 -19.25 -1.57
CA LYS B 336 -21.63 -20.10 -1.66
C LYS B 336 -21.24 -21.54 -1.90
N LYS B 337 -21.78 -22.46 -1.10
CA LYS B 337 -21.47 -23.87 -1.21
C LYS B 337 -22.62 -24.55 -1.95
N THR B 338 -22.37 -24.96 -3.18
CA THR B 338 -23.39 -25.55 -4.04
C THR B 338 -22.69 -26.44 -5.06
N GLN B 339 -23.39 -26.79 -6.13
CA GLN B 339 -22.82 -27.54 -7.24
C GLN B 339 -22.36 -26.60 -8.33
N ILE B 340 -21.24 -26.94 -8.99
CA ILE B 340 -20.78 -26.16 -10.12
C ILE B 340 -20.40 -27.08 -11.27
N LEU B 341 -20.58 -26.57 -12.47
CA LEU B 341 -20.14 -27.25 -13.68
C LEU B 341 -19.34 -26.23 -14.46
N LEU B 342 -18.14 -26.60 -14.91
CA LEU B 342 -17.31 -25.58 -15.51
C LEU B 342 -16.26 -26.25 -16.39
N GLY B 343 -15.59 -25.44 -17.20
CA GLY B 343 -14.63 -26.01 -18.12
C GLY B 343 -14.01 -24.96 -19.02
N VAL B 344 -13.20 -25.45 -19.96
CA VAL B 344 -12.39 -24.61 -20.83
C VAL B 344 -12.34 -25.22 -22.22
N ASN B 345 -11.85 -24.41 -23.17
CA ASN B 345 -11.64 -24.82 -24.55
C ASN B 345 -10.16 -25.07 -24.81
N LYS B 346 -9.87 -25.84 -25.86
CA LYS B 346 -8.49 -26.28 -26.07
C LYS B 346 -7.55 -25.13 -26.43
N ASP B 347 -8.02 -24.11 -27.16
CA ASP B 347 -7.12 -23.06 -27.65
C ASP B 347 -7.66 -21.67 -27.30
N GLU B 348 -7.78 -21.42 -25.99
CA GLU B 348 -8.32 -20.15 -25.51
C GLU B 348 -7.51 -18.96 -25.99
N GLY B 349 -6.21 -19.13 -26.25
CA GLY B 349 -5.36 -17.99 -26.52
C GLY B 349 -5.41 -17.46 -27.94
N SER B 350 -5.90 -18.25 -28.90
CA SER B 350 -5.60 -17.93 -30.30
C SER B 350 -6.24 -16.62 -30.74
N PHE B 351 -7.49 -16.37 -30.31
CA PHE B 351 -8.17 -15.13 -30.67
C PHE B 351 -7.34 -13.91 -30.24
N PHE B 352 -6.79 -13.94 -29.03
CA PHE B 352 -6.05 -12.79 -28.53
C PHE B 352 -4.73 -12.59 -29.27
N LEU B 353 -4.10 -13.67 -29.70
CA LEU B 353 -2.86 -13.55 -30.46
C LEU B 353 -3.14 -13.00 -31.86
N LEU B 354 -4.18 -13.49 -32.51
CA LEU B 354 -4.56 -12.96 -33.82
C LEU B 354 -4.74 -11.45 -33.76
N TYR B 355 -5.44 -10.94 -32.73
CA TYR B 355 -5.75 -9.53 -32.70
C TYR B 355 -4.61 -8.67 -32.17
N GLY B 356 -3.66 -9.24 -31.42
CA GLY B 356 -2.74 -8.37 -30.72
C GLY B 356 -1.26 -8.70 -30.73
N ALA B 357 -0.85 -9.83 -31.33
CA ALA B 357 0.56 -10.25 -31.27
C ALA B 357 1.17 -10.36 -32.66
N PRO B 358 2.47 -10.07 -32.79
CA PRO B 358 3.11 -10.07 -34.12
C PRO B 358 3.28 -11.48 -34.70
N GLY B 359 3.06 -11.57 -36.01
CA GLY B 359 3.23 -12.82 -36.75
C GLY B 359 1.95 -13.59 -37.00
N PHE B 360 0.85 -13.22 -36.36
CA PHE B 360 -0.41 -13.95 -36.50
C PHE B 360 -1.29 -13.30 -37.55
N SER B 361 -1.93 -14.14 -38.36
CA SER B 361 -2.79 -13.65 -39.42
C SER B 361 -3.96 -14.61 -39.57
N LYS B 362 -5.11 -14.04 -39.90
CA LYS B 362 -6.31 -14.81 -40.19
C LYS B 362 -6.17 -15.60 -41.49
N ASP B 363 -5.25 -15.19 -42.37
CA ASP B 363 -5.17 -15.74 -43.72
C ASP B 363 -3.91 -16.56 -43.95
N SER B 364 -3.23 -17.00 -42.89
CA SER B 364 -2.02 -17.77 -43.06
C SER B 364 -1.90 -18.70 -41.87
N GLU B 365 -0.96 -19.64 -41.96
CA GLU B 365 -0.75 -20.60 -40.87
C GLU B 365 -0.08 -19.97 -39.67
N SER B 366 0.38 -18.73 -39.79
CA SER B 366 0.92 -17.96 -38.66
C SER B 366 2.05 -18.70 -37.96
N LYS B 367 2.99 -19.24 -38.75
CA LYS B 367 4.22 -19.74 -38.15
C LYS B 367 4.99 -18.56 -37.54
N ILE B 368 5.45 -18.74 -36.32
CA ILE B 368 5.96 -17.65 -35.49
C ILE B 368 7.48 -17.78 -35.41
N SER B 369 8.18 -16.72 -35.78
CA SER B 369 9.63 -16.68 -35.60
C SER B 369 9.98 -16.64 -34.13
N ARG B 370 11.23 -17.00 -33.83
CA ARG B 370 11.72 -16.91 -32.47
C ARG B 370 11.58 -15.49 -31.93
N GLU B 371 11.90 -14.49 -32.76
CA GLU B 371 11.79 -13.10 -32.34
C GLU B 371 10.35 -12.73 -31.99
N ASP B 372 9.41 -13.09 -32.85
CA ASP B 372 7.99 -12.83 -32.56
C ASP B 372 7.50 -13.67 -31.38
N PHE B 373 8.06 -14.86 -31.16
CA PHE B 373 7.72 -15.62 -29.96
C PHE B 373 8.07 -14.81 -28.72
N MET B 374 9.29 -14.29 -28.67
CA MET B 374 9.74 -13.53 -27.50
C MET B 374 8.90 -12.27 -27.32
N SER B 375 8.52 -11.60 -28.42
CA SER B 375 7.62 -10.46 -28.31
C SER B 375 6.27 -10.87 -27.74
N GLY B 376 5.72 -11.98 -28.23
CA GLY B 376 4.44 -12.46 -27.74
C GLY B 376 4.45 -12.83 -26.27
N VAL B 377 5.56 -13.39 -25.77
CA VAL B 377 5.63 -13.73 -24.35
C VAL B 377 5.51 -12.48 -23.51
N LYS B 378 6.21 -11.42 -23.91
CA LYS B 378 6.16 -10.15 -23.21
C LYS B 378 4.76 -9.55 -23.21
N LEU B 379 4.07 -9.60 -24.34
CA LEU B 379 2.68 -9.10 -24.38
C LEU B 379 1.76 -9.96 -23.54
N SER B 380 2.06 -11.26 -23.42
CA SER B 380 1.17 -12.18 -22.73
C SER B 380 1.33 -12.13 -21.24
N VAL B 381 2.54 -11.86 -20.75
CA VAL B 381 2.74 -11.77 -19.30
C VAL B 381 3.26 -10.38 -19.01
N PRO B 382 2.43 -9.34 -19.17
CA PRO B 382 2.95 -7.96 -19.12
C PRO B 382 3.48 -7.57 -17.76
N HIS B 383 2.97 -8.17 -16.70
CA HIS B 383 3.38 -7.83 -15.35
C HIS B 383 4.69 -8.48 -14.92
N ALA B 384 5.28 -9.36 -15.74
CA ALA B 384 6.44 -10.11 -15.29
C ALA B 384 7.73 -9.34 -15.47
N ASN B 385 8.66 -9.51 -14.52
CA ASN B 385 10.01 -9.00 -14.70
C ASN B 385 10.80 -9.92 -15.63
N ASP B 386 12.04 -9.53 -15.93
CA ASP B 386 12.81 -10.26 -16.93
C ASP B 386 13.07 -11.70 -16.49
N LEU B 387 13.27 -11.93 -15.19
CA LEU B 387 13.44 -13.30 -14.70
C LEU B 387 12.16 -14.11 -14.91
N GLY B 388 11.01 -13.49 -14.68
CA GLY B 388 9.75 -14.18 -14.94
C GLY B 388 9.56 -14.50 -16.40
N LEU B 389 9.91 -13.55 -17.28
CA LEU B 389 9.82 -13.80 -18.71
C LEU B 389 10.73 -14.96 -19.12
N ASP B 390 11.94 -15.02 -18.56
CA ASP B 390 12.83 -16.15 -18.83
C ASP B 390 12.19 -17.46 -18.40
N ALA B 391 11.49 -17.46 -17.27
CA ALA B 391 10.88 -18.70 -16.77
C ALA B 391 9.79 -19.19 -17.71
N VAL B 392 8.92 -18.27 -18.14
CA VAL B 392 7.87 -18.62 -19.10
C VAL B 392 8.48 -19.17 -20.38
N THR B 393 9.52 -18.49 -20.88
CA THR B 393 10.15 -18.91 -22.14
C THR B 393 10.71 -20.31 -22.04
N LEU B 394 11.44 -20.60 -20.97
CA LEU B 394 12.04 -21.92 -20.81
C LEU B 394 10.96 -22.99 -20.69
N GLN B 395 9.87 -22.69 -19.99
CA GLN B 395 8.82 -23.67 -19.79
C GLN B 395 8.14 -24.06 -21.11
N TYR B 396 8.07 -23.13 -22.07
CA TYR B 396 7.31 -23.34 -23.30
C TYR B 396 8.18 -23.42 -24.54
N THR B 397 9.50 -23.56 -24.41
CA THR B 397 10.39 -23.64 -25.56
C THR B 397 11.03 -25.01 -25.64
N ASP B 398 10.99 -25.60 -26.84
CA ASP B 398 11.72 -26.84 -27.12
C ASP B 398 13.08 -26.43 -27.66
N TRP B 399 14.12 -26.54 -26.82
CA TRP B 399 15.44 -26.08 -27.24
C TRP B 399 16.16 -27.05 -28.16
N MET B 400 15.57 -28.21 -28.43
CA MET B 400 16.05 -29.02 -29.54
C MET B 400 15.56 -28.50 -30.89
N ASP B 401 14.63 -27.54 -30.89
CA ASP B 401 13.93 -27.19 -32.12
C ASP B 401 13.30 -25.80 -32.00
N ASP B 402 14.11 -24.82 -31.58
CA ASP B 402 13.61 -23.53 -31.16
C ASP B 402 13.20 -22.61 -32.30
N ASN B 403 13.54 -22.96 -33.54
CA ASN B 403 13.14 -22.15 -34.69
C ASN B 403 11.96 -22.76 -35.44
N ASN B 404 11.29 -23.74 -34.86
CA ASN B 404 10.14 -24.38 -35.46
C ASN B 404 8.96 -23.43 -35.32
N GLY B 405 8.52 -22.84 -36.44
CA GLY B 405 7.47 -21.83 -36.37
C GLY B 405 6.14 -22.36 -35.86
N ILE B 406 5.87 -23.64 -36.08
CA ILE B 406 4.61 -24.20 -35.59
C ILE B 406 4.67 -24.45 -34.09
N LYS B 407 5.79 -24.96 -33.59
CA LYS B 407 5.93 -25.13 -32.15
C LYS B 407 5.92 -23.78 -31.43
N ASN B 408 6.56 -22.77 -32.03
CA ASN B 408 6.53 -21.43 -31.46
C ASN B 408 5.11 -20.87 -31.43
N ARG B 409 4.37 -21.06 -32.53
CA ARG B 409 2.99 -20.59 -32.60
C ARG B 409 2.13 -21.26 -31.54
N ASP B 410 2.17 -22.60 -31.50
CA ASP B 410 1.34 -23.33 -30.54
C ASP B 410 1.81 -23.10 -29.11
N GLY B 411 3.11 -22.89 -28.91
CA GLY B 411 3.61 -22.58 -27.58
C GLY B 411 3.07 -21.26 -27.05
N LEU B 412 3.06 -20.24 -27.90
CA LEU B 412 2.47 -18.95 -27.51
C LEU B 412 0.96 -19.11 -27.28
N ASP B 413 0.28 -19.86 -28.15
CA ASP B 413 -1.14 -20.14 -27.95
C ASP B 413 -1.36 -20.75 -26.57
N ASP B 414 -0.55 -21.75 -26.20
CA ASP B 414 -0.73 -22.37 -24.90
C ASP B 414 -0.43 -21.39 -23.77
N ILE B 415 0.61 -20.56 -23.93
CA ILE B 415 0.94 -19.58 -22.88
C ILE B 415 -0.29 -18.72 -22.58
N VAL B 416 -0.90 -18.17 -23.61
CA VAL B 416 -2.01 -17.25 -23.39
C VAL B 416 -3.19 -17.98 -22.78
N GLY B 417 -3.52 -19.17 -23.28
CA GLY B 417 -4.67 -19.89 -22.76
C GLY B 417 -4.44 -20.38 -21.34
N ASP B 418 -3.24 -20.89 -21.08
CA ASP B 418 -2.93 -21.43 -19.76
C ASP B 418 -2.90 -20.33 -18.71
N HIS B 419 -2.19 -19.23 -18.99
CA HIS B 419 -2.07 -18.14 -18.03
C HIS B 419 -3.41 -17.46 -17.77
N ASN B 420 -4.21 -17.23 -18.82
CA ASN B 420 -5.38 -16.38 -18.67
C ASN B 420 -6.66 -17.15 -18.35
N VAL B 421 -6.77 -18.42 -18.75
CA VAL B 421 -8.04 -19.12 -18.60
C VAL B 421 -7.87 -20.43 -17.83
N ILE B 422 -7.05 -21.35 -18.37
CA ILE B 422 -7.06 -22.71 -17.85
C ILE B 422 -6.49 -22.75 -16.45
N CYS B 423 -5.32 -22.16 -16.23
CA CYS B 423 -4.71 -22.35 -14.91
C CYS B 423 -5.48 -21.57 -13.83
N PRO B 424 -5.96 -20.34 -14.08
CA PRO B 424 -6.83 -19.73 -13.07
C PRO B 424 -8.06 -20.56 -12.77
N LEU B 425 -8.66 -21.16 -13.80
CA LEU B 425 -9.87 -21.94 -13.57
C LEU B 425 -9.55 -23.21 -12.77
N MET B 426 -8.41 -23.84 -13.06
CA MET B 426 -8.05 -25.02 -12.27
C MET B 426 -7.69 -24.65 -10.84
N HIS B 427 -7.13 -23.47 -10.62
CA HIS B 427 -6.93 -23.03 -9.24
C HIS B 427 -8.27 -22.87 -8.54
N PHE B 428 -9.19 -22.19 -9.20
CA PHE B 428 -10.54 -22.03 -8.65
C PHE B 428 -11.21 -23.38 -8.39
N VAL B 429 -11.10 -24.31 -9.35
CA VAL B 429 -11.76 -25.61 -9.22
C VAL B 429 -11.22 -26.36 -8.01
N ASN B 430 -9.90 -26.32 -7.83
CA ASN B 430 -9.34 -27.06 -6.72
CA ASN B 430 -9.25 -27.01 -6.71
C ASN B 430 -9.69 -26.42 -5.38
N LYS B 431 -9.71 -25.08 -5.29
CA LYS B 431 -10.11 -24.44 -4.04
C LYS B 431 -11.60 -24.64 -3.79
N TYR B 432 -12.43 -24.46 -4.82
CA TYR B 432 -13.88 -24.59 -4.61
C TYR B 432 -14.25 -25.98 -4.13
N THR B 433 -13.66 -27.01 -4.74
CA THR B 433 -14.08 -28.39 -4.48
C THR B 433 -13.82 -28.80 -3.03
N LYS B 434 -12.91 -28.11 -2.33
CA LYS B 434 -12.64 -28.44 -0.93
C LYS B 434 -13.87 -28.18 -0.06
N PHE B 435 -14.72 -27.24 -0.46
CA PHE B 435 -15.87 -26.84 0.35
C PHE B 435 -17.21 -27.06 -0.34
N GLY B 436 -17.24 -27.16 -1.67
CA GLY B 436 -18.48 -27.21 -2.41
C GLY B 436 -19.21 -28.55 -2.28
N ASN B 437 -20.32 -28.65 -3.02
CA ASN B 437 -21.22 -29.80 -2.91
C ASN B 437 -21.29 -30.59 -4.22
N GLY B 438 -20.29 -30.44 -5.09
CA GLY B 438 -20.27 -31.21 -6.32
C GLY B 438 -19.67 -30.40 -7.45
N THR B 439 -18.58 -30.88 -8.04
CA THR B 439 -17.93 -30.20 -9.15
C THR B 439 -17.90 -31.10 -10.38
N TYR B 440 -18.23 -30.53 -11.54
CA TYR B 440 -18.11 -31.25 -12.81
C TYR B 440 -17.27 -30.40 -13.76
N LEU B 441 -16.22 -31.00 -14.31
CA LEU B 441 -15.21 -30.27 -15.07
C LEU B 441 -15.14 -30.84 -16.49
N TYR B 442 -15.09 -29.94 -17.50
CA TYR B 442 -15.03 -30.38 -18.89
C TYR B 442 -13.87 -29.70 -19.62
N PHE B 443 -13.45 -30.33 -20.71
CA PHE B 443 -12.43 -29.81 -21.64
C PHE B 443 -13.05 -29.89 -23.03
N PHE B 444 -13.48 -28.75 -23.58
CA PHE B 444 -14.15 -28.73 -24.88
C PHE B 444 -13.08 -28.63 -25.97
N ASN B 445 -12.97 -29.67 -26.82
CA ASN B 445 -11.91 -29.64 -27.81
C ASN B 445 -12.39 -30.02 -29.21
N HIS B 446 -13.62 -29.67 -29.56
CA HIS B 446 -14.15 -29.92 -30.90
C HIS B 446 -14.01 -28.67 -31.76
N ARG B 447 -13.34 -28.81 -32.90
CA ARG B 447 -13.30 -27.74 -33.89
C ARG B 447 -14.49 -27.90 -34.85
N ALA B 448 -15.33 -26.86 -34.93
CA ALA B 448 -16.56 -26.95 -35.72
C ALA B 448 -16.26 -27.12 -37.21
N SER B 449 -17.04 -28.00 -37.85
CA SER B 449 -16.83 -28.31 -39.27
C SER B 449 -16.98 -27.08 -40.15
N ASN B 450 -17.80 -26.11 -39.74
CA ASN B 450 -18.10 -24.94 -40.54
C ASN B 450 -17.41 -23.68 -40.03
N LEU B 451 -16.33 -23.82 -39.27
CA LEU B 451 -15.68 -22.65 -38.69
C LEU B 451 -15.09 -21.77 -39.79
N VAL B 452 -15.20 -20.46 -39.61
CA VAL B 452 -14.72 -19.51 -40.61
C VAL B 452 -13.31 -19.01 -40.30
N TRP B 453 -12.78 -19.32 -39.11
CA TRP B 453 -11.43 -18.95 -38.71
C TRP B 453 -10.45 -20.05 -39.10
N PRO B 454 -9.17 -19.72 -39.27
CA PRO B 454 -8.22 -20.70 -39.81
C PRO B 454 -7.89 -21.80 -38.82
N GLU B 455 -7.27 -22.87 -39.35
CA GLU B 455 -7.12 -24.08 -38.56
C GLU B 455 -6.10 -23.91 -37.43
N TRP B 456 -5.14 -23.00 -37.58
CA TRP B 456 -4.15 -22.82 -36.51
C TRP B 456 -4.79 -22.30 -35.22
N MET B 457 -5.94 -21.66 -35.31
CA MET B 457 -6.58 -21.14 -34.10
C MET B 457 -7.29 -22.22 -33.31
N GLY B 458 -7.53 -23.40 -33.90
CA GLY B 458 -8.02 -24.53 -33.11
C GLY B 458 -9.42 -24.31 -32.58
N VAL B 459 -9.60 -24.60 -31.28
CA VAL B 459 -10.88 -24.53 -30.59
C VAL B 459 -10.89 -23.21 -29.80
N ILE B 460 -11.57 -22.22 -30.33
CA ILE B 460 -11.37 -20.81 -30.03
C ILE B 460 -12.20 -20.37 -28.83
N HIS B 461 -11.69 -19.38 -28.12
CA HIS B 461 -12.41 -18.72 -27.03
C HIS B 461 -13.76 -18.20 -27.53
N GLY B 462 -14.84 -18.74 -26.95
CA GLY B 462 -16.19 -18.38 -27.32
C GLY B 462 -16.91 -19.40 -28.18
N TYR B 463 -16.20 -20.39 -28.73
CA TYR B 463 -16.81 -21.20 -29.77
C TYR B 463 -17.44 -22.48 -29.24
N GLU B 464 -17.49 -22.66 -27.91
CA GLU B 464 -18.37 -23.67 -27.36
C GLU B 464 -19.79 -23.15 -27.17
N ILE B 465 -19.96 -21.82 -27.20
CA ILE B 465 -21.27 -21.23 -26.91
C ILE B 465 -22.31 -21.69 -27.91
N GLU B 466 -21.97 -21.74 -29.20
CA GLU B 466 -22.96 -22.13 -30.21
C GLU B 466 -23.46 -23.55 -29.98
N PHE B 467 -22.62 -24.41 -29.38
CA PHE B 467 -23.09 -25.74 -29.02
C PHE B 467 -24.00 -25.70 -27.80
N VAL B 468 -23.67 -24.85 -26.82
CA VAL B 468 -24.48 -24.75 -25.61
C VAL B 468 -25.88 -24.24 -25.94
N PHE B 469 -25.99 -23.34 -26.92
CA PHE B 469 -27.28 -22.72 -27.26
C PHE B 469 -27.99 -23.43 -28.41
N GLY B 470 -27.44 -24.56 -28.89
CA GLY B 470 -28.15 -25.42 -29.80
C GLY B 470 -28.16 -25.00 -31.24
N LEU B 471 -27.29 -24.10 -31.65
CA LEU B 471 -27.24 -23.69 -33.05
C LEU B 471 -27.04 -24.85 -34.03
N PRO B 472 -26.29 -25.91 -33.67
CA PRO B 472 -26.19 -27.04 -34.60
C PRO B 472 -27.52 -27.73 -34.91
N LEU B 473 -28.56 -27.45 -34.15
CA LEU B 473 -29.87 -28.03 -34.46
C LEU B 473 -30.55 -27.34 -35.64
N VAL B 474 -29.98 -26.25 -36.14
CA VAL B 474 -30.57 -25.50 -37.24
C VAL B 474 -29.91 -25.98 -38.52
N LYS B 475 -30.65 -26.78 -39.31
CA LYS B 475 -30.09 -27.41 -40.50
C LYS B 475 -29.43 -26.41 -41.43
N GLU B 476 -30.00 -25.20 -41.53
CA GLU B 476 -29.50 -24.19 -42.46
C GLU B 476 -28.08 -23.72 -42.11
N LEU B 477 -27.63 -23.92 -40.87
CA LEU B 477 -26.29 -23.49 -40.49
C LEU B 477 -25.19 -24.48 -40.89
N ASN B 478 -25.57 -25.65 -41.42
CA ASN B 478 -24.64 -26.58 -42.06
C ASN B 478 -23.65 -27.19 -41.06
N TYR B 479 -24.12 -27.52 -39.86
CA TYR B 479 -23.35 -28.37 -38.98
C TYR B 479 -23.56 -29.84 -39.37
N THR B 480 -22.61 -30.69 -39.00
CA THR B 480 -22.74 -32.12 -39.28
C THR B 480 -23.75 -32.76 -38.34
N ALA B 481 -24.18 -33.98 -38.70
CA ALA B 481 -25.07 -34.71 -37.81
C ALA B 481 -24.40 -34.99 -36.47
N GLU B 482 -23.09 -35.27 -36.48
CA GLU B 482 -22.40 -35.52 -35.23
C GLU B 482 -22.36 -34.27 -34.36
N GLU B 483 -22.28 -33.09 -34.98
CA GLU B 483 -22.28 -31.86 -34.21
C GLU B 483 -23.65 -31.55 -33.63
N GLU B 484 -24.73 -31.84 -34.37
CA GLU B 484 -26.06 -31.74 -33.76
C GLU B 484 -26.15 -32.67 -32.55
N ALA B 485 -25.64 -33.89 -32.66
CA ALA B 485 -25.70 -34.81 -31.53
C ALA B 485 -24.90 -34.26 -30.35
N LEU B 486 -23.73 -33.67 -30.64
CA LEU B 486 -22.91 -33.09 -29.59
C LEU B 486 -23.63 -31.91 -28.92
N SER B 487 -24.23 -31.03 -29.73
CA SER B 487 -25.00 -29.92 -29.17
C SER B 487 -26.13 -30.44 -28.28
N ARG B 488 -26.89 -31.45 -28.73
CA ARG B 488 -27.96 -32.01 -27.91
C ARG B 488 -27.42 -32.59 -26.60
N ARG B 489 -26.26 -33.26 -26.66
CA ARG B 489 -25.64 -33.79 -25.45
CA ARG B 489 -25.64 -33.79 -25.45
C ARG B 489 -25.30 -32.68 -24.46
N ILE B 490 -24.69 -31.60 -24.97
CA ILE B 490 -24.25 -30.52 -24.09
C ILE B 490 -25.43 -29.79 -23.49
N MET B 491 -26.45 -29.50 -24.31
CA MET B 491 -27.65 -28.84 -23.77
C MET B 491 -28.29 -29.69 -22.69
N HIS B 492 -28.33 -31.01 -22.89
CA HIS B 492 -28.92 -31.88 -21.88
C HIS B 492 -28.06 -31.96 -20.62
N TYR B 493 -26.73 -32.03 -20.77
CA TYR B 493 -25.85 -31.91 -19.60
C TYR B 493 -26.12 -30.62 -18.83
N TRP B 494 -26.12 -29.48 -19.53
CA TRP B 494 -26.27 -28.18 -18.88
C TRP B 494 -27.61 -28.09 -18.17
N ALA B 495 -28.69 -28.48 -18.87
CA ALA B 495 -30.03 -28.33 -18.32
C ALA B 495 -30.30 -29.35 -17.23
N THR B 496 -29.78 -30.57 -17.36
CA THR B 496 -29.96 -31.56 -16.30
C THR B 496 -29.19 -31.15 -15.06
N PHE B 497 -27.98 -30.61 -15.23
CA PHE B 497 -27.27 -30.02 -14.11
C PHE B 497 -28.10 -28.90 -13.47
N ALA B 498 -28.60 -27.98 -14.29
CA ALA B 498 -29.41 -26.89 -13.76
C ALA B 498 -30.57 -27.42 -12.95
N LYS B 499 -31.24 -28.48 -13.44
CA LYS B 499 -32.40 -29.03 -12.75
C LYS B 499 -32.03 -29.76 -11.46
N THR B 500 -30.89 -30.47 -11.44
CA THR B 500 -30.62 -31.47 -10.42
C THR B 500 -29.30 -31.31 -9.68
N GLY B 501 -28.36 -30.51 -10.18
CA GLY B 501 -27.03 -30.47 -9.61
C GLY B 501 -26.10 -31.55 -10.12
N ASN B 502 -26.52 -32.29 -11.14
CA ASN B 502 -25.80 -33.43 -11.69
C ASN B 502 -26.11 -33.48 -13.18
N PRO B 503 -25.10 -33.37 -14.07
CA PRO B 503 -25.39 -33.40 -15.51
C PRO B 503 -25.87 -34.73 -16.01
N ASN B 504 -25.67 -35.81 -15.24
CA ASN B 504 -26.05 -37.15 -15.64
C ASN B 504 -27.50 -37.42 -15.25
N GLU B 505 -28.21 -38.09 -16.14
CA GLU B 505 -29.51 -38.64 -15.77
C GLU B 505 -29.31 -40.00 -15.08
N PRO B 506 -30.00 -40.24 -13.97
CA PRO B 506 -29.87 -41.52 -13.29
C PRO B 506 -30.61 -42.62 -14.04
N HIS B 507 -30.20 -43.86 -13.75
CA HIS B 507 -30.74 -45.06 -14.40
C HIS B 507 -30.60 -45.00 -15.92
N SER B 508 -29.74 -44.13 -16.44
CA SER B 508 -29.51 -44.01 -17.86
C SER B 508 -28.36 -44.90 -18.29
N GLN B 509 -28.42 -45.35 -19.54
CA GLN B 509 -27.40 -46.23 -20.10
C GLN B 509 -26.23 -45.49 -20.72
N GLU B 510 -26.22 -44.16 -20.67
CA GLU B 510 -25.15 -43.39 -21.29
C GLU B 510 -23.98 -43.25 -20.32
N SER B 511 -22.78 -43.12 -20.89
CA SER B 511 -21.59 -43.00 -20.04
C SER B 511 -21.72 -41.78 -19.13
N LYS B 512 -21.16 -41.91 -17.94
CA LYS B 512 -21.39 -40.95 -16.87
C LYS B 512 -20.22 -39.99 -16.78
N TRP B 513 -20.55 -38.70 -16.69
CA TRP B 513 -19.60 -37.64 -16.39
C TRP B 513 -19.31 -37.70 -14.89
N PRO B 514 -18.11 -38.07 -14.49
CA PRO B 514 -17.83 -38.23 -13.06
C PRO B 514 -17.60 -36.91 -12.35
N LEU B 515 -17.96 -36.88 -11.07
CA LEU B 515 -17.57 -35.80 -10.18
C LEU B 515 -16.07 -35.57 -10.22
N PHE B 516 -15.68 -34.31 -10.26
CA PHE B 516 -14.33 -33.88 -9.95
C PHE B 516 -14.14 -33.90 -8.44
N THR B 517 -13.14 -34.64 -7.97
CA THR B 517 -12.83 -34.73 -6.55
C THR B 517 -11.41 -34.25 -6.30
N THR B 518 -11.17 -33.76 -5.08
CA THR B 518 -9.84 -33.29 -4.69
C THR B 518 -8.78 -34.36 -4.95
N LYS B 519 -9.10 -35.62 -4.67
CA LYS B 519 -8.10 -36.68 -4.84
C LYS B 519 -7.89 -37.04 -6.31
N GLU B 520 -8.96 -37.38 -7.03
CA GLU B 520 -8.82 -37.98 -8.36
C GLU B 520 -8.90 -36.98 -9.51
N GLN B 521 -9.55 -35.83 -9.30
CA GLN B 521 -9.46 -34.68 -10.22
C GLN B 521 -9.87 -35.05 -11.64
N LYS B 522 -10.95 -35.82 -11.78
CA LYS B 522 -11.40 -36.27 -13.08
C LYS B 522 -12.13 -35.17 -13.85
N PHE B 523 -12.01 -35.24 -15.17
CA PHE B 523 -12.76 -34.38 -16.08
C PHE B 523 -13.00 -35.17 -17.36
N ILE B 524 -13.92 -34.65 -18.19
CA ILE B 524 -14.20 -35.27 -19.48
C ILE B 524 -13.83 -34.32 -20.60
N ASP B 525 -13.46 -34.90 -21.75
CA ASP B 525 -13.49 -34.16 -22.99
C ASP B 525 -14.93 -34.03 -23.47
N LEU B 526 -15.23 -32.90 -24.10
CA LEU B 526 -16.51 -32.73 -24.80
C LEU B 526 -16.20 -32.61 -26.28
N ASN B 527 -16.58 -33.63 -27.05
CA ASN B 527 -16.38 -33.60 -28.50
C ASN B 527 -17.32 -34.66 -29.09
N THR B 528 -17.16 -34.93 -30.39
CA THR B 528 -18.08 -35.85 -31.06
C THR B 528 -17.72 -37.32 -30.83
N GLU B 529 -16.61 -37.62 -30.16
CA GLU B 529 -16.22 -38.99 -29.89
C GLU B 529 -16.83 -39.49 -28.60
N PRO B 530 -16.94 -40.81 -28.43
CA PRO B 530 -17.34 -41.35 -27.13
C PRO B 530 -16.53 -40.76 -25.99
N MET B 531 -17.20 -40.59 -24.86
CA MET B 531 -16.63 -39.87 -23.73
C MET B 531 -15.32 -40.50 -23.27
N LYS B 532 -14.34 -39.64 -22.98
CA LYS B 532 -13.11 -40.05 -22.31
C LYS B 532 -13.01 -39.30 -20.99
N VAL B 533 -12.66 -40.03 -19.94
CA VAL B 533 -12.38 -39.48 -18.62
C VAL B 533 -10.87 -39.32 -18.50
N HIS B 534 -10.42 -38.15 -18.09
CA HIS B 534 -9.01 -37.88 -17.82
C HIS B 534 -8.87 -37.38 -16.39
N GLN B 535 -7.63 -37.16 -15.95
CA GLN B 535 -7.35 -36.62 -14.63
C GLN B 535 -6.31 -35.52 -14.73
N ARG B 536 -6.37 -34.58 -13.78
CA ARG B 536 -5.38 -33.52 -13.62
C ARG B 536 -5.22 -32.71 -14.90
N LEU B 537 -6.34 -32.08 -15.29
CA LEU B 537 -6.39 -31.25 -16.48
C LEU B 537 -5.21 -30.33 -16.52
N ARG B 538 -4.37 -30.54 -17.54
CA ARG B 538 -3.11 -29.89 -17.65
C ARG B 538 -2.60 -29.67 -16.21
N VAL B 539 -1.76 -30.51 -15.65
CA VAL B 539 -1.35 -30.17 -14.27
C VAL B 539 0.05 -29.52 -14.20
N GLN B 540 0.92 -29.81 -15.18
CA GLN B 540 2.32 -29.35 -15.13
C GLN B 540 2.48 -27.81 -15.23
N MET B 541 2.05 -27.20 -16.34
CA MET B 541 2.09 -25.74 -16.52
C MET B 541 1.28 -25.01 -15.44
N CYS B 542 0.22 -25.61 -14.89
CA CYS B 542 -0.51 -24.87 -13.86
C CYS B 542 0.19 -24.92 -12.52
N VAL B 543 0.99 -25.96 -12.24
CA VAL B 543 1.94 -25.81 -11.16
C VAL B 543 2.84 -24.62 -11.44
N PHE B 544 3.28 -24.50 -12.71
CA PHE B 544 4.11 -23.36 -13.08
C PHE B 544 3.36 -22.05 -12.88
N TRP B 545 2.16 -21.95 -13.45
CA TRP B 545 1.42 -20.68 -13.42
C TRP B 545 0.85 -20.39 -12.03
N ASN B 546 0.42 -21.42 -11.29
CA ASN B 546 -0.26 -21.15 -10.03
C ASN B 546 0.67 -21.18 -8.82
N GLN B 547 1.78 -21.89 -8.87
CA GLN B 547 2.66 -21.92 -7.70
C GLN B 547 4.05 -21.35 -7.98
N PHE B 548 4.75 -21.82 -9.02
CA PHE B 548 6.13 -21.40 -9.19
C PHE B 548 6.23 -19.94 -9.61
N LEU B 549 5.58 -19.56 -10.71
CA LEU B 549 5.77 -18.21 -11.21
C LEU B 549 5.36 -17.15 -10.20
N PRO B 550 4.22 -17.27 -9.50
CA PRO B 550 3.88 -16.22 -8.51
C PRO B 550 4.93 -16.09 -7.42
N LYS B 551 5.53 -17.21 -7.02
CA LYS B 551 6.62 -17.15 -6.05
C LYS B 551 7.85 -16.47 -6.62
N LEU B 552 8.17 -16.74 -7.88
CA LEU B 552 9.30 -16.06 -8.52
C LEU B 552 9.06 -14.56 -8.59
N LEU B 553 7.87 -14.16 -9.05
CA LEU B 553 7.57 -12.73 -9.18
C LEU B 553 7.50 -12.03 -7.83
N ASN B 554 7.07 -12.74 -6.78
CA ASN B 554 7.01 -12.16 -5.44
C ASN B 554 8.39 -12.07 -4.80
N ALA B 555 9.30 -12.98 -5.13
CA ALA B 555 10.65 -12.89 -4.61
C ALA B 555 11.44 -11.76 -5.27
N THR B 556 11.21 -11.55 -6.56
CA THR B 556 11.97 -10.60 -7.37
C THR B 556 11.18 -9.34 -7.69
CAK 8UH C . 19.66 16.26 12.61
CAL 8UH C . 20.74 15.43 13.11
CAM 8UH C . 21.08 14.41 12.10
CBL 8UH C . 21.69 16.00 13.82
CAQ 8UH C . 22.16 17.27 13.41
CAR 8UH C . 23.16 17.86 14.14
CAP 8UH C . 21.54 17.99 12.30
CAJ 8UH C . 20.46 17.14 11.53
CAH 8UH C . 21.18 16.35 10.53
CAG 8UH C . 21.51 15.02 10.86
NAN 8UH C . 22.19 14.31 9.98
CAF 8UH C . 22.63 14.77 8.83
CAA 8UH C . 23.34 13.96 7.97
CAB 8UH C . 23.81 14.41 6.76
CL1 8UH C . 24.73 13.41 5.74
CAC 8UH C . 23.54 15.71 6.39
CAD 8UH C . 22.81 16.52 7.25
CAE 8UH C . 22.36 16.06 8.47
CAI 8UH C . 21.63 16.82 9.37
NAT 8UH C . 21.30 18.00 9.09
CAS 8UH C . 22.21 18.97 9.23
CAU 8UH C . 22.43 19.49 7.91
CAV 8UH C . 23.17 20.68 8.31
CBK 8UH C . 24.61 20.36 8.59
CBJ 8UH C . 25.10 21.23 9.73
CAW 8UH C . 25.29 22.53 9.12
OAX 8UH C . 24.40 23.06 8.50
NAY 8UH C . 26.42 23.10 9.18
CAZ 8UH C . 27.67 22.74 9.83
CBA 8UH C . 28.44 23.87 9.63
CBB 8UH C . 29.57 23.92 8.85
CBF 8UH C . 27.99 25.01 10.28
CBE 8UH C . 28.56 26.22 10.21
CBD 8UH C . 29.65 26.30 9.46
OBG 8UH C . 30.21 27.50 9.40
CBC 8UH C . 30.18 25.19 8.78
OBH 8UH C . 31.27 25.42 8.06
CBI 8UH C . 30.74 25.90 6.85
C1 NAG D . -8.30 25.50 9.11
C2 NAG D . -9.59 25.93 8.42
C3 NAG D . -9.68 25.29 7.03
C4 NAG D . -8.42 25.58 6.22
C5 NAG D . -7.17 25.19 7.01
C6 NAG D . -5.87 25.56 6.32
C7 NAG D . -11.62 26.48 9.71
C8 NAG D . -11.32 27.92 9.37
N2 NAG D . -10.75 25.58 9.22
O3 NAG D . -10.81 25.82 6.35
O4 NAG D . -8.45 24.84 5.00
O5 NAG D . -7.17 25.85 8.29
O6 NAG D . -5.60 26.96 6.39
O7 NAG D . -12.58 26.15 10.38
C1 NAG E . 12.66 -4.06 38.02
C2 NAG E . 13.61 -5.28 38.06
C3 NAG E . 12.86 -6.53 38.52
C4 NAG E . 12.11 -6.27 39.82
C5 NAG E . 11.18 -5.08 39.60
C6 NAG E . 10.37 -4.72 40.83
C7 NAG E . 15.44 -5.07 36.44
C8 NAG E . 15.92 -5.40 35.07
N2 NAG E . 14.21 -5.50 36.76
O3 NAG E . 13.80 -7.59 38.73
O4 NAG E . 11.34 -7.41 40.19
O5 NAG E . 11.98 -3.92 39.28
O6 NAG E . 10.98 -3.73 41.63
O7 NAG E . 16.12 -4.45 37.25
C1 NAG F . 10.88 5.24 -6.90
C2 NAG F . 11.56 6.42 -7.61
C3 NAG F . 10.74 6.90 -8.80
C4 NAG F . 10.28 5.74 -9.68
C5 NAG F . 9.64 4.65 -8.83
C6 NAG F . 9.21 3.43 -9.62
C7 NAG F . 12.96 8.06 -6.42
C8 NAG F . 12.97 9.17 -5.42
N2 NAG F . 11.77 7.51 -6.66
O3 NAG F . 11.53 7.79 -9.58
O4 NAG F . 9.32 6.21 -10.63
O5 NAG F . 10.58 4.22 -7.85
O6 NAG F . 10.24 2.45 -9.66
O7 NAG F . 13.98 7.68 -6.97
C1 PEG G . -9.24 30.24 17.00
O1 PEG G . -10.51 30.72 16.63
C2 PEG G . -9.01 30.50 18.49
O2 PEG G . -7.72 31.00 18.67
C3 PEG G . -7.69 32.26 19.27
C4 PEG G . -6.90 33.24 18.40
O4 PEG G . -7.66 34.41 18.21
C1 PEG H . -12.81 24.58 30.45
O1 PEG H . -13.47 24.05 29.39
C2 PEG H . -11.70 25.54 30.07
O2 PEG H . -11.78 25.87 28.72
C3 PEG H . -10.71 26.62 28.24
C4 PEG H . -11.23 27.63 27.24
O4 PEG H . -11.00 28.87 27.78
C1 PEG I . 28.89 22.95 38.96
O1 PEG I . 29.65 21.78 39.00
C2 PEG I . 27.40 22.76 39.17
O2 PEG I . 26.79 23.96 39.59
C3 PEG I . 26.93 25.06 38.76
C4 PEG I . 26.93 26.37 39.53
O4 PEG I . 27.98 27.17 39.11
CL CL J . 32.31 2.50 5.55
CL CL K . 22.51 -5.17 35.86
CAK 8UH L . -16.87 -12.63 -26.53
CAL 8UH L . -15.79 -13.45 -26.00
CAM 8UH L . -15.45 -14.49 -27.00
CBL 8UH L . -14.85 -12.90 -25.27
CAQ 8UH L . -14.39 -11.63 -25.68
CAR 8UH L . -13.38 -11.01 -24.97
CAP 8UH L . -14.99 -10.90 -26.81
CAJ 8UH L . -16.04 -11.76 -27.59
CAH 8UH L . -15.29 -12.55 -28.56
CAG 8UH L . -14.99 -13.88 -28.23
NAN 8UH L . -14.28 -14.60 -29.07
CAF 8UH L . -13.84 -14.14 -30.22
CAA 8UH L . -13.10 -14.96 -31.04
CAB 8UH L . -12.59 -14.53 -32.23
CL1 8UH L . -11.64 -15.57 -33.26
CAC 8UH L . -12.85 -13.24 -32.61
CAD 8UH L . -13.57 -12.39 -31.81
CAE 8UH L . -14.08 -12.82 -30.60
CAI 8UH L . -14.82 -12.02 -29.73
NAT 8UH L . -15.11 -10.76 -29.94
CAS 8UH L . -14.92 -9.97 -31.14
CAU 8UH L . -13.56 -9.32 -31.14
CAV 8UH L . -13.47 -8.24 -30.11
CBK 8UH L . -12.14 -7.59 -30.30
CBJ 8UH L . -11.72 -6.77 -29.06
CAW 8UH L . -10.50 -6.20 -29.60
OAX 8UH L . -10.54 -5.40 -30.47
NAY 8UH L . -9.40 -6.71 -29.14
CAZ 8UH L . -8.08 -6.32 -29.65
CBA 8UH L . -7.83 -5.02 -29.70
CBB 8UH L . -6.69 -4.67 -30.37
CBF 8UH L . -8.62 -4.10 -29.06
CBE 8UH L . -8.28 -2.78 -29.12
CBD 8UH L . -7.16 -2.40 -29.80
OBG 8UH L . -6.83 -1.12 -29.85
CBC 8UH L . -6.35 -3.34 -30.44
OBH 8UH L . -5.26 -2.89 -31.10
CBI 8UH L . -4.11 -3.73 -31.04
C1 NAG M . -0.54 -27.70 -16.45
C2 NAG M . -1.50 -26.98 -17.27
C3 NAG M . -1.82 -27.84 -18.46
C4 NAG M . -0.60 -28.07 -19.34
C5 NAG M . 0.47 -28.76 -18.52
C6 NAG M . 1.80 -28.60 -19.22
C7 NAG M . -3.47 -25.86 -16.18
C8 NAG M . -4.70 -26.19 -15.42
N2 NAG M . -2.71 -26.91 -16.45
O3 NAG M . -2.99 -27.38 -19.13
O4 NAG M . -0.88 -29.02 -20.37
O5 NAG M . 0.64 -28.08 -17.27
O6 NAG M . 2.07 -27.20 -19.33
O7 NAG M . -3.18 -24.71 -16.54
C1 NAG N . 21.64 -58.22 14.08
C2 NAG N . 22.10 -59.58 13.45
C3 NAG N . 21.06 -60.56 13.64
C4 NAG N . 20.23 -60.20 14.85
C5 NAG N . 19.37 -59.03 14.52
C6 NAG N . 18.70 -58.47 15.75
C7 NAG N . 23.58 -59.91 11.44
C8 NAG N . 23.66 -59.72 9.96
N2 NAG N . 22.43 -59.50 12.04
O3 NAG N . 21.74 -61.76 13.92
O4 NAG N . 19.47 -61.26 15.41
O5 NAG N . 20.19 -58.05 13.89
O6 NAG N . 19.19 -59.19 16.87
O7 NAG N . 24.50 -60.37 12.07
#